data_7D1Z
#
_entry.id   7D1Z
#
_cell.length_a   1.00
_cell.length_b   1.00
_cell.length_c   1.00
_cell.angle_alpha   90.00
_cell.angle_beta   90.00
_cell.angle_gamma   90.00
#
_symmetry.space_group_name_H-M   'P 1'
#
loop_
_entity.id
_entity.type
_entity.pdbx_description
1 polymer 'Histone H3.1'
2 polymer 'Histone H4'
3 polymer 'Histone H2A type 1-B/E'
4 polymer 'Histone H2B type 1-J'
5 polymer 'DNA (145-MER)'
6 polymer 'DNA (145-MER)'
7 polymer 'Isoform 2 of N-lysine methyltransferase KMT5A'
#
loop_
_entity_poly.entity_id
_entity_poly.type
_entity_poly.pdbx_seq_one_letter_code
_entity_poly.pdbx_strand_id
1 'polypeptide(L)'
;GSHMARTKQTARKSTGGKAPRKQLATKAARKSAPATGGVKKPHRYRPGTVALREIRRYQKSTELLIRKLPFQRLVREIAQ
DFKTDLRFQSSAVMALQEACEAYLVGLFEDTNLCAIHAKRVTIMPKDIQLARRIRGERA
;
A,E
2 'polypeptide(L)'
;GSHMSGRGKGGKGLGKGGAKRHRKVLRDNIQGITKPAIRRLARRGGVKRISGLIYEETRGVLKVFLENVIRDAVTYTEHA
KRKTVTAMDVVYALKRQGRTLYGFGG
;
B,F
3 'polypeptide(L)'
;GSHMSGRGKQGGKARAKAKTRSSRAGLQFPVGRVHRLLRKGNYSERVGAGAPVYLAAVLEYLTAEILELAGNAARDNKKT
RIIPRHLQLAIRNDEELNKLLGRVTIAQGGVLPNIQAVLLPKKTESHHKAKGK
;
C,G
4 'polypeptide(L)'
;GSHMPEPAKSAPAPKKGSKKAVTKAQKKDGKKRKRSRKESYSIYVYKVLKQVHPDTGISSKAMGIMNSFVNDIFERIAGE
ASRLAHYNKRSTITSREIQTAVRLLLPGELAKHAVSEGTKAVTKYTSAK
;
D,H
5 'polydeoxyribonucleotide'
;(DA)(DT)(DC)(DA)(DG)(DA)(DA)(DT)(DC)(DC)(DC)(DG)(DG)(DT)(DG)(DC)(DC)(DG)(DA)(DG)
(DG)(DC)(DC)(DG)(DC)(DT)(DC)(DA)(DA)(DT)(DT)(DG)(DG)(DT)(DC)(DG)(DT)(DA)(DG)(DA)
(DC)(DA)(DG)(DC)(DT)(DC)(DT)(DA)(DG)(DC)(DA)(DC)(DC)(DG)(DC)(DT)(DT)(DA)(DA)(DA)
(DC)(DG)(DC)(DA)(DC)(DG)(DT)(DA)(DC)(DG)(DC)(DG)(DC)(DT)(DG)(DT)(DC)(DC)(DC)(DC)
(DC)(DG)(DC)(DG)(DT)(DT)(DT)(DT)(DA)(DA)(DC)(DC)(DG)(DC)(DC)(DA)(DA)(DG)(DG)(DG)
(DG)(DA)(DT)(DT)(DA)(DC)(DT)(DC)(DC)(DC)(DT)(DA)(DG)(DT)(DC)(DT)(DC)(DC)(DA)(DG)
(DG)(DC)(DA)(DC)(DG)(DT)(DG)(DT)(DC)(DA)(DG)(DA)(DT)(DA)(DT)(DA)(DT)(DA)(DC)(DA)
(DT)(DC)(DG)(DA)(DT)
;
I
6 'polydeoxyribonucleotide'
;(DA)(DT)(DC)(DG)(DA)(DT)(DG)(DT)(DA)(DT)(DA)(DT)(DA)(DT)(DC)(DT)(DG)(DA)(DC)(DA)
(DC)(DG)(DT)(DG)(DC)(DC)(DT)(DG)(DG)(DA)(DG)(DA)(DC)(DT)(DA)(DG)(DG)(DG)(DA)(DG)
(DT)(DA)(DA)(DT)(DC)(DC)(DC)(DC)(DT)(DT)(DG)(DG)(DC)(DG)(DG)(DT)(DT)(DA)(DA)(DA)
(DA)(DC)(DG)(DC)(DG)(DG)(DG)(DG)(DG)(DA)(DC)(DA)(DG)(DC)(DG)(DC)(DG)(DT)(DA)(DC)
(DG)(DT)(DG)(DC)(DG)(DT)(DT)(DT)(DA)(DA)(DG)(DC)(DG)(DG)(DT)(DG)(DC)(DT)(DA)(DG)
(DA)(DG)(DC)(DT)(DG)(DT)(DC)(DT)(DA)(DC)(DG)(DA)(DC)(DC)(DA)(DA)(DT)(DT)(DG)(DA)
(DG)(DC)(DG)(DG)(DC)(DC)(DT)(DC)(DG)(DG)(DC)(DA)(DC)(DC)(DG)(DG)(DG)(DA)(DT)(DT)
(DC)(DT)(DG)(DA)(DT)
;
J
7 'polypeptide(L)'
;MARGRKMSKPRAVEAAAAAAAVAATAPGPEMVERRGPGRPRTDGENVFTGQSKIYSYMSPNKCSGMRFPLQEENSVTHHE
VKCQGKPLAGIYRKREEKRNAGNAVRSAMKSEEQKIKDARKGPLVPFPNQKSEAAEPPKTPPSSCDSTNAAIAKQALKKP
IKGKQAPRKKAQGKTQQNRKLTDFYPVRRSSRKSKAELQSEERKRIDELIESGKEEGMKIDLIDGKGRGVIATKQFSRGD
FVVEYHGDLIEITDAKKREALYAQDPSTGCYMYYFQYLSKTYCVDATRETNRLGRLINHSKCGNCQTKLHDIDGVPHLIL
IASRDIAAGEELLYDYGDRSKASIEAHPWLKH
;
K
#
# COMPACT_ATOMS: atom_id res chain seq x y z
N PRO A 42 -43.88 21.57 -28.23
CA PRO A 42 -43.88 20.69 -27.06
C PRO A 42 -42.90 19.55 -27.18
N HIS A 43 -41.62 19.82 -26.91
CA HIS A 43 -40.58 18.80 -26.96
C HIS A 43 -40.32 18.27 -25.57
N ARG A 44 -39.77 17.06 -25.51
CA ARG A 44 -39.52 16.38 -24.25
C ARG A 44 -38.55 15.24 -24.51
N TYR A 45 -37.58 15.09 -23.62
CA TYR A 45 -36.55 14.06 -23.77
C TYR A 45 -36.93 12.79 -23.04
N ARG A 46 -36.40 11.68 -23.52
CA ARG A 46 -36.56 10.42 -22.82
C ARG A 46 -35.89 10.52 -21.45
N PRO A 47 -36.46 9.91 -20.42
CA PRO A 47 -35.82 9.95 -19.09
C PRO A 47 -34.43 9.32 -19.14
N GLY A 48 -33.43 10.12 -18.83
CA GLY A 48 -32.06 9.64 -18.84
C GLY A 48 -31.10 10.52 -19.59
N THR A 49 -31.57 11.11 -20.70
CA THR A 49 -30.70 11.98 -21.48
C THR A 49 -30.37 13.26 -20.73
N VAL A 50 -31.36 13.82 -20.02
CA VAL A 50 -31.08 15.00 -19.21
C VAL A 50 -30.11 14.65 -18.09
N ALA A 51 -30.22 13.44 -17.55
CA ALA A 51 -29.27 13.00 -16.54
C ALA A 51 -27.87 12.89 -17.11
N LEU A 52 -27.73 12.35 -18.31
CA LEU A 52 -26.41 12.25 -18.92
C LEU A 52 -25.84 13.63 -19.22
N ARG A 53 -26.69 14.57 -19.62
CA ARG A 53 -26.19 15.92 -19.87
C ARG A 53 -25.75 16.60 -18.58
N GLU A 54 -26.50 16.38 -17.50
CA GLU A 54 -26.07 16.91 -16.20
C GLU A 54 -24.75 16.26 -15.77
N ILE A 55 -24.59 14.97 -16.06
CA ILE A 55 -23.33 14.31 -15.73
C ILE A 55 -22.18 14.97 -16.45
N ARG A 56 -22.31 15.14 -17.78
CA ARG A 56 -21.25 15.78 -18.53
C ARG A 56 -20.97 17.19 -18.04
N ARG A 57 -22.02 17.92 -17.67
CA ARG A 57 -21.84 19.28 -17.19
C ARG A 57 -21.06 19.31 -15.88
N TYR A 58 -21.52 18.55 -14.89
CA TYR A 58 -20.89 18.58 -13.58
C TYR A 58 -19.57 17.83 -13.53
N GLN A 59 -19.21 17.11 -14.58
CA GLN A 59 -17.85 16.61 -14.68
C GLN A 59 -16.96 17.51 -15.52
N LYS A 60 -17.56 18.43 -16.29
CA LYS A 60 -16.76 19.50 -16.89
C LYS A 60 -16.43 20.57 -15.87
N SER A 61 -17.35 20.89 -14.97
CA SER A 61 -17.14 22.01 -14.08
C SER A 61 -16.30 21.62 -12.87
N THR A 62 -15.92 22.62 -12.09
CA THR A 62 -15.15 22.42 -10.87
C THR A 62 -15.73 23.13 -9.67
N GLU A 63 -16.72 23.99 -9.84
CA GLU A 63 -17.25 24.78 -8.75
C GLU A 63 -17.91 23.88 -7.70
N LEU A 64 -18.12 24.44 -6.52
CA LEU A 64 -18.67 23.68 -5.41
C LEU A 64 -20.17 23.50 -5.60
N LEU A 65 -20.65 22.29 -5.32
CA LEU A 65 -22.01 21.92 -5.63
C LEU A 65 -22.96 22.09 -4.45
N ILE A 66 -22.45 22.32 -3.27
CA ILE A 66 -23.30 22.54 -2.11
C ILE A 66 -23.40 24.03 -1.86
N ARG A 67 -24.54 24.47 -1.35
CA ARG A 67 -24.75 25.88 -1.07
C ARG A 67 -23.87 26.31 0.10
N LYS A 68 -23.05 27.33 -0.13
CA LYS A 68 -22.01 27.70 0.82
C LYS A 68 -22.60 28.08 2.17
N LEU A 69 -23.68 28.81 2.18
CA LEU A 69 -24.16 29.30 3.46
C LEU A 69 -24.82 28.19 4.27
N PRO A 70 -25.65 27.33 3.68
CA PRO A 70 -26.13 26.18 4.45
C PRO A 70 -25.03 25.25 4.91
N PHE A 71 -24.01 25.03 4.08
CA PHE A 71 -22.91 24.18 4.53
C PHE A 71 -22.19 24.81 5.71
N GLN A 72 -21.89 26.10 5.62
CA GLN A 72 -21.24 26.80 6.73
C GLN A 72 -22.09 26.74 7.99
N ARG A 73 -23.40 26.84 7.85
CA ARG A 73 -24.26 26.78 9.02
C ARG A 73 -24.20 25.41 9.67
N LEU A 74 -24.24 24.35 8.85
CA LEU A 74 -24.12 23.00 9.38
C LEU A 74 -22.79 22.80 10.08
N VAL A 75 -21.70 23.30 9.49
CA VAL A 75 -20.39 23.16 10.11
C VAL A 75 -20.35 23.88 11.44
N ARG A 76 -20.92 25.08 11.52
CA ARG A 76 -20.92 25.80 12.77
C ARG A 76 -21.71 25.06 13.85
N GLU A 77 -22.83 24.45 13.48
CA GLU A 77 -23.56 23.59 14.42
C GLU A 77 -22.68 22.45 14.92
N ILE A 78 -22.18 21.64 13.99
CA ILE A 78 -21.40 20.46 14.37
C ILE A 78 -20.24 20.84 15.27
N ALA A 79 -19.55 21.93 14.95
CA ALA A 79 -18.45 22.37 15.78
C ALA A 79 -18.94 22.83 17.14
N GLN A 80 -20.06 23.55 17.17
CA GLN A 80 -20.66 23.97 18.43
C GLN A 80 -20.90 22.79 19.35
N ASP A 81 -21.10 21.61 18.78
CA ASP A 81 -21.23 20.43 19.63
C ASP A 81 -19.96 20.17 20.44
N PHE A 82 -18.79 20.45 19.87
CA PHE A 82 -17.53 20.08 20.51
C PHE A 82 -16.95 21.18 21.39
N LYS A 83 -17.06 22.43 20.97
CA LYS A 83 -16.52 23.53 21.75
C LYS A 83 -17.36 24.77 21.48
N THR A 84 -17.85 25.39 22.55
CA THR A 84 -18.76 26.51 22.41
C THR A 84 -18.00 27.78 22.07
N ASP A 85 -18.67 28.66 21.33
CA ASP A 85 -18.13 29.97 20.96
C ASP A 85 -16.85 29.83 20.13
N LEU A 86 -16.93 29.02 19.08
CA LEU A 86 -15.84 28.86 18.15
C LEU A 86 -15.98 29.84 17.01
N ARG A 87 -14.85 30.34 16.53
CA ARG A 87 -14.81 31.12 15.31
C ARG A 87 -14.22 30.26 14.21
N PHE A 88 -14.45 30.67 12.97
CA PHE A 88 -14.03 29.89 11.82
C PHE A 88 -13.42 30.81 10.79
N GLN A 89 -12.24 30.46 10.28
CA GLN A 89 -11.74 31.18 9.13
C GLN A 89 -12.55 30.83 7.90
N SER A 90 -12.77 31.82 7.04
CA SER A 90 -13.46 31.56 5.79
C SER A 90 -12.75 30.50 4.98
N SER A 91 -11.42 30.53 4.97
CA SER A 91 -10.69 29.48 4.29
C SER A 91 -10.84 28.14 4.99
N ALA A 92 -11.05 28.15 6.30
CA ALA A 92 -11.28 26.89 7.01
C ALA A 92 -12.60 26.26 6.56
N VAL A 93 -13.66 27.06 6.47
CA VAL A 93 -14.92 26.48 6.04
C VAL A 93 -14.86 26.09 4.58
N MET A 94 -14.13 26.84 3.76
CA MET A 94 -14.00 26.44 2.36
C MET A 94 -13.22 25.14 2.23
N ALA A 95 -12.21 24.93 3.09
CA ALA A 95 -11.47 23.68 3.08
C ALA A 95 -12.37 22.52 3.49
N LEU A 96 -13.15 22.71 4.56
CA LEU A 96 -14.10 21.69 4.95
C LEU A 96 -15.04 21.35 3.81
N GLN A 97 -15.50 22.36 3.08
CA GLN A 97 -16.44 22.10 2.00
C GLN A 97 -15.79 21.35 0.86
N GLU A 98 -14.59 21.76 0.46
CA GLU A 98 -13.90 21.03 -0.60
C GLU A 98 -13.68 19.58 -0.21
N ALA A 99 -13.28 19.35 1.04
CA ALA A 99 -13.01 17.98 1.48
C ALA A 99 -14.29 17.15 1.50
N CYS A 100 -15.38 17.72 2.01
CA CYS A 100 -16.64 16.98 2.07
C CYS A 100 -17.17 16.68 0.67
N GLU A 101 -17.03 17.63 -0.24
CA GLU A 101 -17.52 17.39 -1.58
C GLU A 101 -16.69 16.33 -2.29
N ALA A 102 -15.37 16.35 -2.11
CA ALA A 102 -14.56 15.30 -2.70
C ALA A 102 -14.91 13.94 -2.09
N TYR A 103 -15.16 13.91 -0.78
CA TYR A 103 -15.55 12.67 -0.14
C TYR A 103 -16.82 12.12 -0.74
N LEU A 104 -17.86 12.95 -0.82
CA LEU A 104 -19.13 12.47 -1.35
C LEU A 104 -19.03 12.10 -2.81
N VAL A 105 -18.22 12.80 -3.59
CA VAL A 105 -18.09 12.44 -5.00
C VAL A 105 -17.42 11.08 -5.14
N GLY A 106 -16.38 10.83 -4.36
CA GLY A 106 -15.74 9.51 -4.44
C GLY A 106 -16.67 8.41 -3.94
N LEU A 107 -17.40 8.70 -2.86
CA LEU A 107 -18.35 7.73 -2.34
C LEU A 107 -19.43 7.42 -3.36
N PHE A 108 -19.83 8.40 -4.16
CA PHE A 108 -20.84 8.14 -5.17
C PHE A 108 -20.27 7.42 -6.37
N GLU A 109 -18.99 7.63 -6.70
CA GLU A 109 -18.36 6.78 -7.70
C GLU A 109 -18.39 5.31 -7.29
N ASP A 110 -18.02 5.04 -6.03
CA ASP A 110 -18.03 3.65 -5.58
C ASP A 110 -19.45 3.11 -5.43
N THR A 111 -20.39 3.95 -5.02
CA THR A 111 -21.79 3.53 -4.97
C THR A 111 -22.28 3.16 -6.36
N ASN A 112 -21.91 3.92 -7.37
CA ASN A 112 -22.31 3.62 -8.73
C ASN A 112 -21.69 2.31 -9.20
N LEU A 113 -20.45 2.06 -8.81
CA LEU A 113 -19.85 0.76 -9.12
C LEU A 113 -20.61 -0.37 -8.47
N CYS A 114 -21.03 -0.18 -7.22
CA CYS A 114 -21.79 -1.22 -6.51
C CYS A 114 -23.12 -1.47 -7.20
N ALA A 115 -23.83 -0.40 -7.55
CA ALA A 115 -25.10 -0.54 -8.26
C ALA A 115 -24.93 -1.30 -9.56
N ILE A 116 -23.99 -0.85 -10.39
CA ILE A 116 -23.72 -1.55 -11.65
C ILE A 116 -23.39 -3.01 -11.39
N HIS A 117 -22.69 -3.31 -10.30
CA HIS A 117 -22.43 -4.69 -9.95
C HIS A 117 -23.71 -5.46 -9.74
N ALA A 118 -24.67 -4.86 -9.05
CA ALA A 118 -25.95 -5.53 -8.81
C ALA A 118 -26.86 -5.52 -10.03
N LYS A 119 -26.31 -5.23 -11.21
CA LYS A 119 -27.03 -5.23 -12.48
C LYS A 119 -28.10 -4.16 -12.53
N ARG A 120 -28.01 -3.15 -11.68
CA ARG A 120 -28.97 -2.06 -11.66
C ARG A 120 -28.41 -0.85 -12.39
N VAL A 121 -29.14 0.27 -12.35
CA VAL A 121 -28.68 1.55 -12.84
C VAL A 121 -28.90 2.55 -11.71
N THR A 122 -29.84 2.24 -10.84
CA THR A 122 -30.18 3.09 -9.71
C THR A 122 -29.29 2.77 -8.52
N ILE A 123 -28.71 3.79 -7.92
CA ILE A 123 -27.98 3.58 -6.68
C ILE A 123 -28.95 3.57 -5.52
N MET A 124 -28.60 2.86 -4.45
CA MET A 124 -29.51 2.62 -3.35
C MET A 124 -28.74 2.64 -2.04
N PRO A 125 -29.45 2.81 -0.91
CA PRO A 125 -28.76 2.80 0.39
C PRO A 125 -27.95 1.55 0.62
N LYS A 126 -28.41 0.39 0.15
CA LYS A 126 -27.58 -0.80 0.26
C LYS A 126 -26.29 -0.64 -0.52
N ASP A 127 -26.31 0.12 -1.61
CA ASP A 127 -25.09 0.35 -2.37
C ASP A 127 -24.14 1.24 -1.59
N ILE A 128 -24.65 2.33 -1.01
CA ILE A 128 -23.77 3.18 -0.20
C ILE A 128 -23.19 2.40 0.96
N GLN A 129 -24.01 1.58 1.61
CA GLN A 129 -23.53 0.83 2.77
C GLN A 129 -22.47 -0.19 2.37
N LEU A 130 -22.66 -0.85 1.22
CA LEU A 130 -21.63 -1.77 0.77
C LEU A 130 -20.34 -1.04 0.44
N ALA A 131 -20.44 0.09 -0.24
CA ALA A 131 -19.24 0.86 -0.56
C ALA A 131 -18.48 1.21 0.70
N ARG A 132 -19.18 1.71 1.72
CA ARG A 132 -18.50 2.12 2.93
C ARG A 132 -17.93 0.94 3.69
N ARG A 133 -18.68 -0.17 3.76
CA ARG A 133 -18.17 -1.33 4.49
C ARG A 133 -16.92 -1.91 3.84
N ILE A 134 -16.95 -2.05 2.51
CA ILE A 134 -15.76 -2.55 1.82
C ILE A 134 -14.61 -1.56 1.96
N ARG A 135 -14.92 -0.27 1.97
CA ARG A 135 -13.90 0.76 1.99
C ARG A 135 -13.30 0.95 3.37
N GLY A 136 -13.96 0.48 4.42
CA GLY A 136 -13.38 0.45 5.73
C GLY A 136 -13.99 1.38 6.75
N GLU A 137 -15.06 2.07 6.41
CA GLU A 137 -15.68 3.02 7.31
C GLU A 137 -16.72 2.33 8.19
N ARG A 138 -17.00 2.94 9.34
CA ARG A 138 -17.96 2.39 10.27
C ARG A 138 -19.33 3.02 10.09
N LEU B 26 -28.78 26.79 16.19
CA LEU B 26 -28.57 26.10 14.92
C LEU B 26 -29.19 24.72 15.04
N ARG B 27 -30.39 24.56 14.50
CA ARG B 27 -31.13 23.31 14.61
C ARG B 27 -31.51 22.81 13.22
N ASP B 28 -31.30 21.51 12.99
CA ASP B 28 -31.71 20.84 11.76
C ASP B 28 -31.13 21.52 10.53
N ASN B 29 -29.81 21.66 10.53
CA ASN B 29 -29.11 22.24 9.40
C ASN B 29 -28.64 21.20 8.40
N ILE B 30 -28.66 19.92 8.76
CA ILE B 30 -28.32 18.89 7.80
C ILE B 30 -29.31 18.88 6.65
N GLN B 31 -30.53 19.37 6.87
CA GLN B 31 -31.47 19.53 5.77
C GLN B 31 -31.07 20.65 4.83
N GLY B 32 -30.03 21.41 5.15
CA GLY B 32 -29.49 22.37 4.22
C GLY B 32 -28.71 21.77 3.09
N ILE B 33 -28.38 20.48 3.19
CA ILE B 33 -27.84 19.73 2.06
C ILE B 33 -29.07 19.22 1.32
N THR B 34 -29.61 20.09 0.47
CA THR B 34 -30.90 19.83 -0.15
C THR B 34 -30.82 18.65 -1.11
N LYS B 35 -31.99 18.15 -1.48
CA LYS B 35 -32.03 17.05 -2.44
C LYS B 35 -31.34 17.39 -3.75
N PRO B 36 -31.56 18.56 -4.38
CA PRO B 36 -30.83 18.84 -5.62
C PRO B 36 -29.34 18.96 -5.42
N ALA B 37 -28.88 19.33 -4.22
CA ALA B 37 -27.44 19.39 -3.99
C ALA B 37 -26.83 18.00 -4.01
N ILE B 38 -27.43 17.06 -3.30
CA ILE B 38 -26.95 15.68 -3.31
C ILE B 38 -27.07 15.10 -4.71
N ARG B 39 -28.11 15.48 -5.44
CA ARG B 39 -28.24 14.99 -6.80
C ARG B 39 -27.15 15.55 -7.70
N ARG B 40 -26.74 16.80 -7.48
CA ARG B 40 -25.61 17.36 -8.21
C ARG B 40 -24.32 16.61 -7.88
N LEU B 41 -24.10 16.32 -6.60
CA LEU B 41 -22.92 15.57 -6.22
C LEU B 41 -22.91 14.20 -6.88
N ALA B 42 -24.07 13.55 -6.94
CA ALA B 42 -24.14 12.24 -7.57
C ALA B 42 -23.89 12.34 -9.06
N ARG B 43 -24.45 13.34 -9.71
CA ARG B 43 -24.18 13.56 -11.12
C ARG B 43 -22.69 13.71 -11.36
N ARG B 44 -22.02 14.51 -10.54
CA ARG B 44 -20.57 14.61 -10.65
C ARG B 44 -19.92 13.24 -10.45
N GLY B 45 -20.48 12.42 -9.58
CA GLY B 45 -19.95 11.08 -9.38
C GLY B 45 -20.25 10.11 -10.50
N GLY B 46 -21.13 10.46 -11.42
CA GLY B 46 -21.47 9.59 -12.52
C GLY B 46 -22.79 8.87 -12.38
N VAL B 47 -23.53 9.12 -11.32
CA VAL B 47 -24.78 8.42 -11.06
C VAL B 47 -25.84 8.87 -12.06
N LYS B 48 -26.61 7.90 -12.56
CA LYS B 48 -27.66 8.20 -13.54
C LYS B 48 -29.03 8.33 -12.91
N ARG B 49 -29.43 7.36 -12.09
CA ARG B 49 -30.66 7.47 -11.31
C ARG B 49 -30.34 7.32 -9.83
N ILE B 50 -31.22 7.84 -9.00
CA ILE B 50 -30.96 7.98 -7.57
C ILE B 50 -32.21 7.56 -6.82
N SER B 51 -32.15 6.44 -6.12
CA SER B 51 -33.27 6.04 -5.28
C SER B 51 -33.60 7.14 -4.29
N GLY B 52 -34.87 7.18 -3.87
CA GLY B 52 -35.32 8.28 -3.04
C GLY B 52 -34.82 8.22 -1.62
N LEU B 53 -34.38 7.05 -1.16
CA LEU B 53 -33.81 6.92 0.18
C LEU B 53 -32.34 7.27 0.22
N ILE B 54 -31.72 7.59 -0.92
CA ILE B 54 -30.32 7.95 -0.95
C ILE B 54 -30.07 9.23 -0.18
N TYR B 55 -31.04 10.11 -0.11
CA TYR B 55 -30.77 11.45 0.41
C TYR B 55 -30.55 11.43 1.92
N GLU B 56 -31.38 10.71 2.66
CA GLU B 56 -31.16 10.65 4.10
C GLU B 56 -29.89 9.88 4.43
N GLU B 57 -29.62 8.81 3.68
CA GLU B 57 -28.38 8.07 3.86
C GLU B 57 -27.17 8.97 3.65
N THR B 58 -27.21 9.79 2.60
CA THR B 58 -26.08 10.66 2.31
C THR B 58 -25.95 11.77 3.34
N ARG B 59 -27.07 12.28 3.84
CA ARG B 59 -27.00 13.26 4.91
C ARG B 59 -26.35 12.66 6.15
N GLY B 60 -26.68 11.41 6.46
CA GLY B 60 -26.02 10.77 7.59
C GLY B 60 -24.53 10.56 7.37
N VAL B 61 -24.16 10.08 6.19
CA VAL B 61 -22.75 9.89 5.87
C VAL B 61 -21.99 11.20 5.99
N LEU B 62 -22.55 12.28 5.46
CA LEU B 62 -21.89 13.57 5.52
C LEU B 62 -21.77 14.06 6.95
N LYS B 63 -22.81 13.88 7.76
CA LYS B 63 -22.73 14.32 9.14
C LYS B 63 -21.65 13.55 9.89
N VAL B 64 -21.48 12.27 9.57
CA VAL B 64 -20.45 11.48 10.23
C VAL B 64 -19.06 11.98 9.84
N PHE B 65 -18.81 12.11 8.53
CA PHE B 65 -17.52 12.58 8.07
C PHE B 65 -17.18 13.95 8.64
N LEU B 66 -18.17 14.84 8.67
CA LEU B 66 -17.92 16.17 9.20
C LEU B 66 -17.68 16.13 10.70
N GLU B 67 -18.41 15.30 11.43
CA GLU B 67 -18.15 15.20 12.86
C GLU B 67 -16.72 14.78 13.11
N ASN B 68 -16.23 13.80 12.35
CA ASN B 68 -14.85 13.35 12.57
C ASN B 68 -13.84 14.45 12.27
N VAL B 69 -13.96 15.07 11.09
CA VAL B 69 -12.97 16.06 10.69
C VAL B 69 -13.02 17.28 11.61
N ILE B 70 -14.22 17.71 11.98
CA ILE B 70 -14.32 18.90 12.82
C ILE B 70 -13.87 18.58 14.24
N ARG B 71 -14.09 17.36 14.72
CA ARG B 71 -13.57 17.02 16.04
C ARG B 71 -12.05 17.12 16.05
N ASP B 72 -11.40 16.59 15.01
CA ASP B 72 -9.94 16.69 14.97
C ASP B 72 -9.48 18.14 14.82
N ALA B 73 -10.20 18.93 14.03
CA ALA B 73 -9.78 20.32 13.83
C ALA B 73 -9.94 21.13 15.11
N VAL B 74 -11.05 20.94 15.82
CA VAL B 74 -11.24 21.62 17.08
C VAL B 74 -10.23 21.17 18.11
N THR B 75 -9.78 19.92 18.03
CA THR B 75 -8.73 19.47 18.94
C THR B 75 -7.42 20.18 18.66
N TYR B 76 -7.03 20.27 17.39
CA TYR B 76 -5.83 21.03 17.04
C TYR B 76 -5.94 22.47 17.51
N THR B 77 -7.10 23.09 17.30
CA THR B 77 -7.30 24.47 17.71
C THR B 77 -7.16 24.62 19.22
N GLU B 78 -7.95 23.86 19.98
CA GLU B 78 -7.82 23.87 21.43
C GLU B 78 -6.38 23.73 21.88
N HIS B 79 -5.63 22.83 21.26
CA HIS B 79 -4.25 22.65 21.68
C HIS B 79 -3.44 23.90 21.39
N ALA B 80 -3.68 24.55 20.26
CA ALA B 80 -2.99 25.81 20.00
C ALA B 80 -3.51 26.95 20.85
N LYS B 81 -4.42 26.66 21.78
CA LYS B 81 -5.02 27.65 22.67
C LYS B 81 -5.66 28.80 21.89
N ARG B 82 -6.03 28.54 20.65
CA ARG B 82 -6.72 29.50 19.81
C ARG B 82 -8.23 29.38 20.03
N LYS B 83 -8.99 30.18 19.30
CA LYS B 83 -10.43 30.06 19.27
C LYS B 83 -10.99 30.09 17.86
N THR B 84 -10.15 30.30 16.85
CA THR B 84 -10.58 30.24 15.47
C THR B 84 -10.05 28.97 14.85
N VAL B 85 -10.96 28.10 14.39
CA VAL B 85 -10.54 27.00 13.55
C VAL B 85 -9.99 27.58 12.27
N THR B 86 -8.76 27.21 11.93
CA THR B 86 -8.11 27.79 10.77
C THR B 86 -8.01 26.78 9.64
N ALA B 87 -7.68 27.28 8.46
CA ALA B 87 -7.50 26.42 7.31
C ALA B 87 -6.43 25.38 7.60
N MET B 88 -5.41 25.73 8.38
CA MET B 88 -4.37 24.77 8.69
C MET B 88 -4.86 23.73 9.68
N ASP B 89 -5.72 24.11 10.63
CA ASP B 89 -6.27 23.11 11.52
C ASP B 89 -7.12 22.12 10.74
N VAL B 90 -7.91 22.60 9.78
CA VAL B 90 -8.71 21.68 8.99
C VAL B 90 -7.83 20.81 8.11
N VAL B 91 -6.79 21.39 7.52
CA VAL B 91 -5.91 20.61 6.67
C VAL B 91 -5.17 19.55 7.47
N TYR B 92 -4.82 19.84 8.72
CA TYR B 92 -4.14 18.86 9.55
C TYR B 92 -5.10 17.75 9.97
N ALA B 93 -6.31 18.12 10.36
CA ALA B 93 -7.32 17.11 10.66
C ALA B 93 -7.50 16.16 9.49
N LEU B 94 -7.61 16.71 8.28
CA LEU B 94 -7.83 15.88 7.11
C LEU B 94 -6.62 15.02 6.81
N LYS B 95 -5.41 15.59 6.89
CA LYS B 95 -4.20 14.81 6.70
C LYS B 95 -4.13 13.66 7.70
N ARG B 96 -4.69 13.84 8.88
CA ARG B 96 -4.69 12.76 9.85
C ARG B 96 -5.77 11.73 9.55
N GLN B 97 -6.89 12.14 8.96
CA GLN B 97 -7.87 11.16 8.51
C GLN B 97 -7.38 10.32 7.35
N GLY B 98 -6.27 10.70 6.74
CA GLY B 98 -5.82 10.02 5.53
C GLY B 98 -6.40 10.59 4.27
N ARG B 99 -6.75 11.88 4.26
CA ARG B 99 -7.41 12.54 3.14
C ARG B 99 -6.75 13.88 2.85
N THR B 100 -5.43 13.87 2.69
CA THR B 100 -4.64 15.07 2.44
C THR B 100 -5.32 15.97 1.43
N LEU B 101 -5.29 17.27 1.69
CA LEU B 101 -6.02 18.26 0.90
C LEU B 101 -5.06 19.34 0.45
N TYR B 102 -4.87 19.46 -0.86
CA TYR B 102 -3.94 20.42 -1.43
C TYR B 102 -4.66 21.71 -1.77
N GLY B 103 -4.14 22.82 -1.27
CA GLY B 103 -4.63 24.10 -1.75
C GLY B 103 -5.05 25.08 -0.69
N PHE B 104 -4.74 24.80 0.57
CA PHE B 104 -5.09 25.72 1.65
C PHE B 104 -3.92 25.93 2.60
N GLY B 105 -2.70 25.73 2.13
CA GLY B 105 -1.52 25.79 2.99
C GLY B 105 -1.03 24.40 3.33
N GLY B 106 0.04 24.38 4.11
CA GLY B 106 0.64 23.13 4.55
C GLY B 106 1.72 22.60 3.62
N ALA C 16 21.88 9.54 47.79
CA ALA C 16 20.70 9.26 48.60
C ALA C 16 19.91 8.07 48.04
N LYS C 17 19.00 7.53 48.85
CA LYS C 17 18.18 6.41 48.43
C LYS C 17 17.30 6.81 47.25
N ALA C 18 17.16 5.91 46.29
CA ALA C 18 16.45 6.19 45.06
C ALA C 18 15.22 5.30 44.94
N LYS C 19 14.22 5.82 44.25
CA LYS C 19 13.02 5.07 43.88
C LYS C 19 12.63 5.45 42.47
N THR C 20 12.36 4.46 41.63
CA THR C 20 12.07 4.70 40.23
C THR C 20 10.91 5.68 40.06
N ARG C 21 10.98 6.49 39.01
CA ARG C 21 9.89 7.42 38.71
C ARG C 21 8.58 6.67 38.55
N SER C 22 8.62 5.47 37.97
CA SER C 22 7.42 4.65 37.85
C SER C 22 6.74 4.47 39.19
N SER C 23 7.53 4.32 40.26
CA SER C 23 6.94 4.17 41.59
C SER C 23 6.37 5.47 42.11
N ARG C 24 6.98 6.61 41.77
CA ARG C 24 6.41 7.89 42.16
C ARG C 24 5.04 8.10 41.55
N ALA C 25 4.82 7.58 40.34
CA ALA C 25 3.58 7.79 39.62
C ALA C 25 2.59 6.64 39.81
N GLY C 26 3.02 5.52 40.37
CA GLY C 26 2.12 4.40 40.54
C GLY C 26 1.91 3.60 39.28
N LEU C 27 2.89 3.58 38.39
CA LEU C 27 2.79 2.88 37.13
C LEU C 27 3.64 1.61 37.16
N GLN C 28 3.22 0.63 36.38
CA GLN C 28 4.03 -0.56 36.15
C GLN C 28 4.82 -0.47 34.85
N PHE C 29 4.68 0.61 34.10
CA PHE C 29 5.48 0.76 32.91
C PHE C 29 6.66 1.68 33.16
N PRO C 30 7.77 1.49 32.48
CA PRO C 30 9.00 2.20 32.82
C PRO C 30 9.00 3.63 32.34
N VAL C 31 8.83 4.57 33.28
CA VAL C 31 8.90 5.97 32.91
C VAL C 31 10.30 6.34 32.45
N GLY C 32 11.33 5.73 33.03
CA GLY C 32 12.68 6.02 32.60
C GLY C 32 12.95 5.53 31.18
N ARG C 33 12.53 4.31 30.89
CA ARG C 33 12.70 3.79 29.53
C ARG C 33 11.90 4.61 28.53
N VAL C 34 10.69 5.02 28.91
CA VAL C 34 9.88 5.83 28.02
C VAL C 34 10.53 7.18 27.76
N HIS C 35 11.10 7.79 28.79
CA HIS C 35 11.80 9.07 28.62
C HIS C 35 13.01 8.90 27.72
N ARG C 36 13.76 7.82 27.91
CA ARG C 36 14.92 7.58 27.05
C ARG C 36 14.48 7.39 25.61
N LEU C 37 13.36 6.73 25.39
CA LEU C 37 12.87 6.52 24.03
C LEU C 37 12.40 7.82 23.41
N LEU C 38 11.69 8.65 24.17
CA LEU C 38 11.28 9.96 23.67
C LEU C 38 12.48 10.81 23.30
N ARG C 39 13.55 10.74 24.09
CA ARG C 39 14.75 11.51 23.76
C ARG C 39 15.41 10.95 22.50
N LYS C 40 15.84 9.70 22.55
CA LYS C 40 16.61 9.13 21.46
C LYS C 40 15.78 8.85 20.22
N GLY C 41 14.49 9.15 20.22
CA GLY C 41 13.66 8.89 19.07
C GLY C 41 13.51 10.04 18.11
N ASN C 42 14.12 11.19 18.40
CA ASN C 42 14.08 12.36 17.52
C ASN C 42 12.65 12.82 17.29
N TYR C 43 11.95 13.08 18.40
CA TYR C 43 10.62 13.64 18.33
C TYR C 43 10.62 15.14 18.57
N SER C 44 11.45 15.62 19.49
CA SER C 44 11.62 17.06 19.69
C SER C 44 12.93 17.31 20.40
N GLU C 45 13.38 18.56 20.32
CA GLU C 45 14.63 18.96 20.96
C GLU C 45 14.59 18.84 22.48
N ARG C 46 13.40 18.78 23.06
CA ARG C 46 13.24 18.76 24.50
C ARG C 46 12.06 17.88 24.86
N VAL C 47 12.09 17.31 26.06
CA VAL C 47 11.04 16.43 26.53
C VAL C 47 10.70 16.80 27.95
N GLY C 48 9.48 17.28 28.17
CA GLY C 48 9.07 17.74 29.48
C GLY C 48 9.15 16.67 30.53
N ALA C 49 9.00 17.11 31.78
CA ALA C 49 9.09 16.18 32.91
C ALA C 49 7.93 15.19 32.90
N GLY C 50 6.72 15.69 32.77
CA GLY C 50 5.54 14.84 32.80
C GLY C 50 5.19 14.17 31.49
N ALA C 51 5.92 14.45 30.41
CA ALA C 51 5.64 13.79 29.15
C ALA C 51 5.82 12.28 29.23
N PRO C 52 6.95 11.75 29.69
CA PRO C 52 7.06 10.29 29.77
C PRO C 52 6.14 9.70 30.81
N VAL C 53 5.82 10.41 31.89
CA VAL C 53 4.88 9.89 32.85
C VAL C 53 3.51 9.72 32.21
N TYR C 54 3.05 10.74 31.51
CA TYR C 54 1.76 10.66 30.83
C TYR C 54 1.75 9.55 29.80
N LEU C 55 2.82 9.46 29.00
CA LEU C 55 2.85 8.46 27.94
C LEU C 55 2.89 7.05 28.50
N ALA C 56 3.66 6.84 29.57
CA ALA C 56 3.71 5.52 30.19
C ALA C 56 2.38 5.17 30.83
N ALA C 57 1.70 6.16 31.42
CA ALA C 57 0.39 5.88 31.99
C ALA C 57 -0.60 5.47 30.92
N VAL C 58 -0.53 6.12 29.75
CA VAL C 58 -1.46 5.78 28.69
C VAL C 58 -1.15 4.42 28.11
N LEU C 59 0.13 4.10 27.92
CA LEU C 59 0.49 2.77 27.44
C LEU C 59 0.06 1.69 28.41
N GLU C 60 0.23 1.94 29.71
CA GLU C 60 -0.21 0.97 30.70
C GLU C 60 -1.71 0.81 30.69
N TYR C 61 -2.47 1.90 30.56
CA TYR C 61 -3.91 1.77 30.50
C TYR C 61 -4.34 0.95 29.30
N LEU C 62 -3.76 1.23 28.13
CA LEU C 62 -4.17 0.52 26.93
C LEU C 62 -3.83 -0.96 27.03
N THR C 63 -2.63 -1.29 27.53
CA THR C 63 -2.30 -2.70 27.65
C THR C 63 -3.15 -3.38 28.72
N ALA C 64 -3.57 -2.64 29.75
CA ALA C 64 -4.45 -3.23 30.74
C ALA C 64 -5.81 -3.55 30.14
N GLU C 65 -6.32 -2.65 29.29
CA GLU C 65 -7.58 -2.93 28.59
C GLU C 65 -7.45 -4.18 27.72
N ILE C 66 -6.42 -4.23 26.88
CA ILE C 66 -6.23 -5.37 25.99
C ILE C 66 -6.12 -6.65 26.79
N LEU C 67 -5.30 -6.63 27.84
CA LEU C 67 -5.07 -7.85 28.62
C LEU C 67 -6.33 -8.29 29.34
N GLU C 68 -7.12 -7.34 29.85
CA GLU C 68 -8.34 -7.70 30.53
C GLU C 68 -9.30 -8.41 29.59
N LEU C 69 -9.48 -7.84 28.39
CA LEU C 69 -10.40 -8.48 27.46
C LEU C 69 -9.86 -9.83 26.99
N ALA C 70 -8.55 -9.95 26.80
CA ALA C 70 -7.99 -11.22 26.37
C ALA C 70 -8.10 -12.27 27.46
N GLY C 71 -7.98 -11.86 28.72
CA GLY C 71 -8.18 -12.81 29.81
C GLY C 71 -9.62 -13.26 29.90
N ASN C 72 -10.56 -12.35 29.68
CA ASN C 72 -11.95 -12.77 29.61
C ASN C 72 -12.16 -13.80 28.50
N ALA C 73 -11.53 -13.58 27.35
CA ALA C 73 -11.65 -14.56 26.27
C ALA C 73 -11.06 -15.90 26.67
N ALA C 74 -9.90 -15.88 27.35
CA ALA C 74 -9.27 -17.13 27.77
C ALA C 74 -10.14 -17.87 28.77
N ARG C 75 -10.80 -17.14 29.67
CA ARG C 75 -11.76 -17.78 30.57
C ARG C 75 -12.88 -18.42 29.78
N ASP C 76 -13.54 -17.65 28.91
CA ASP C 76 -14.63 -18.18 28.11
C ASP C 76 -14.20 -19.37 27.25
N ASN C 77 -12.91 -19.52 27.01
CA ASN C 77 -12.39 -20.71 26.34
C ASN C 77 -11.94 -21.78 27.33
N LYS C 78 -12.07 -21.52 28.63
CA LYS C 78 -11.65 -22.46 29.68
C LYS C 78 -10.16 -22.80 29.56
N LYS C 79 -9.35 -21.77 29.35
CA LYS C 79 -7.90 -21.88 29.35
C LYS C 79 -7.33 -20.87 30.32
N THR C 80 -6.03 -20.99 30.58
CA THR C 80 -5.36 -20.11 31.53
C THR C 80 -4.27 -19.25 30.93
N ARG C 81 -3.78 -19.56 29.73
CA ARG C 81 -2.83 -18.72 29.05
C ARG C 81 -3.53 -17.87 28.02
N ILE C 82 -3.05 -16.65 27.84
CA ILE C 82 -3.47 -15.81 26.74
C ILE C 82 -2.68 -16.20 25.51
N ILE C 83 -3.33 -16.20 24.35
CA ILE C 83 -2.67 -16.54 23.11
C ILE C 83 -3.10 -15.56 22.03
N PRO C 84 -2.34 -15.49 20.93
CA PRO C 84 -2.73 -14.59 19.83
C PRO C 84 -4.19 -14.68 19.46
N ARG C 85 -4.78 -15.88 19.48
CA ARG C 85 -6.19 -16.00 19.17
C ARG C 85 -7.03 -15.20 20.16
N HIS C 86 -6.66 -15.22 21.43
CA HIS C 86 -7.45 -14.52 22.43
C HIS C 86 -7.29 -13.02 22.31
N LEU C 87 -6.07 -12.57 22.01
CA LEU C 87 -5.88 -11.15 21.71
C LEU C 87 -6.74 -10.73 20.53
N GLN C 88 -6.76 -11.54 19.47
CA GLN C 88 -7.56 -11.23 18.29
C GLN C 88 -9.03 -11.13 18.65
N LEU C 89 -9.56 -12.10 19.40
CA LEU C 89 -10.96 -12.07 19.78
C LEU C 89 -11.28 -10.82 20.59
N ALA C 90 -10.48 -10.54 21.61
CA ALA C 90 -10.70 -9.37 22.44
C ALA C 90 -10.75 -8.11 21.58
N ILE C 91 -9.76 -7.93 20.72
CA ILE C 91 -9.67 -6.71 19.92
C ILE C 91 -10.86 -6.61 18.98
N ARG C 92 -11.06 -7.61 18.14
CA ARG C 92 -12.14 -7.54 17.16
C ARG C 92 -13.51 -7.47 17.80
N ASN C 93 -13.65 -7.85 19.07
CA ASN C 93 -14.94 -7.74 19.71
C ASN C 93 -15.17 -6.36 20.32
N ASP C 94 -14.16 -5.79 20.97
CA ASP C 94 -14.32 -4.44 21.49
C ASP C 94 -14.34 -3.44 20.34
N GLU C 95 -15.38 -2.62 20.28
CA GLU C 95 -15.55 -1.69 19.17
C GLU C 95 -14.45 -0.64 19.15
N GLU C 96 -14.11 -0.10 20.32
CA GLU C 96 -13.07 0.93 20.37
C GLU C 96 -11.72 0.38 19.96
N LEU C 97 -11.31 -0.73 20.57
CA LEU C 97 -10.03 -1.33 20.22
C LEU C 97 -10.01 -1.81 18.77
N ASN C 98 -11.16 -2.14 18.21
CA ASN C 98 -11.19 -2.52 16.81
C ASN C 98 -11.06 -1.31 15.90
N LYS C 99 -11.55 -0.15 16.34
CA LYS C 99 -11.29 1.06 15.57
C LYS C 99 -9.84 1.50 15.70
N LEU C 100 -9.24 1.26 16.86
CA LEU C 100 -7.84 1.62 17.07
C LEU C 100 -6.92 0.72 16.25
N LEU C 101 -6.97 -0.58 16.51
CA LEU C 101 -6.19 -1.57 15.77
C LEU C 101 -7.00 -2.16 14.63
N GLY C 102 -7.50 -1.30 13.75
CA GLY C 102 -8.32 -1.78 12.65
C GLY C 102 -7.49 -2.14 11.45
N ARG C 103 -6.37 -1.45 11.25
CA ARG C 103 -5.47 -1.72 10.16
C ARG C 103 -4.30 -2.59 10.58
N VAL C 104 -4.53 -3.48 11.55
CA VAL C 104 -3.49 -4.27 12.18
C VAL C 104 -3.84 -5.75 12.04
N THR C 105 -2.89 -6.53 11.56
CA THR C 105 -3.03 -7.98 11.55
C THR C 105 -2.27 -8.53 12.75
N ILE C 106 -2.79 -9.58 13.34
CA ILE C 106 -2.21 -10.19 14.53
C ILE C 106 -1.78 -11.60 14.15
N ALA C 107 -0.48 -11.85 14.19
CA ALA C 107 0.04 -13.13 13.76
C ALA C 107 -0.59 -14.27 14.54
N GLN C 108 -0.92 -15.35 13.84
CA GLN C 108 -1.54 -16.52 14.45
C GLN C 108 -2.82 -16.14 15.20
N GLY C 109 -3.56 -15.20 14.64
CA GLY C 109 -4.72 -14.68 15.33
C GLY C 109 -6.05 -15.18 14.78
N GLY C 110 -6.08 -15.59 13.54
CA GLY C 110 -7.33 -16.03 12.95
C GLY C 110 -8.34 -14.90 12.87
N VAL C 111 -9.56 -15.27 12.49
CA VAL C 111 -10.61 -14.31 12.23
C VAL C 111 -11.75 -14.53 13.19
N LEU C 112 -12.62 -13.53 13.30
CA LEU C 112 -13.82 -13.67 14.11
C LEU C 112 -14.75 -14.70 13.48
N PRO C 113 -15.32 -15.60 14.27
CA PRO C 113 -16.33 -16.52 13.72
C PRO C 113 -17.55 -15.76 13.25
N ASN C 114 -17.78 -15.77 11.94
CA ASN C 114 -18.86 -14.97 11.36
C ASN C 114 -19.24 -15.59 10.02
N ILE C 115 -20.43 -16.16 9.94
CA ILE C 115 -20.98 -16.70 8.70
C ILE C 115 -22.18 -15.84 8.32
N GLN C 116 -22.14 -15.28 7.12
CA GLN C 116 -23.23 -14.44 6.65
C GLN C 116 -24.54 -15.22 6.64
N ALA C 117 -25.64 -14.53 6.95
CA ALA C 117 -26.92 -15.21 7.09
C ALA C 117 -27.39 -15.82 5.78
N VAL C 118 -27.05 -15.20 4.65
CA VAL C 118 -27.55 -15.64 3.36
C VAL C 118 -27.03 -17.02 2.98
N LEU C 119 -26.03 -17.53 3.68
CA LEU C 119 -25.47 -18.84 3.38
C LEU C 119 -25.95 -19.92 4.34
N LEU C 120 -26.47 -19.56 5.50
CA LEU C 120 -26.97 -20.55 6.44
C LEU C 120 -28.13 -21.33 5.81
N PRO C 121 -28.32 -22.59 6.21
CA PRO C 121 -29.41 -23.36 5.64
C PRO C 121 -30.76 -22.84 6.09
N LYS C 122 -31.70 -22.78 5.15
CA LYS C 122 -33.02 -22.22 5.42
C LYS C 122 -33.95 -23.25 6.05
N ARG D 37 21.79 -7.67 24.09
CA ARG D 37 20.90 -7.05 25.07
C ARG D 37 19.92 -6.18 24.31
N LYS D 38 18.65 -6.56 24.31
CA LYS D 38 17.61 -5.86 23.55
C LYS D 38 16.43 -5.57 24.45
N GLU D 39 15.93 -4.33 24.37
CA GLU D 39 14.87 -3.88 25.26
C GLU D 39 13.51 -4.33 24.76
N SER D 40 12.59 -4.50 25.70
CA SER D 40 11.22 -4.87 25.40
C SER D 40 10.36 -4.47 26.59
N TYR D 41 9.07 -4.80 26.51
CA TYR D 41 8.11 -4.45 27.55
C TYR D 41 7.56 -5.70 28.23
N SER D 42 8.33 -6.78 28.23
CA SER D 42 7.82 -8.06 28.67
C SER D 42 7.44 -8.04 30.14
N ILE D 43 8.35 -7.61 31.00
CA ILE D 43 8.10 -7.71 32.43
C ILE D 43 7.01 -6.74 32.85
N TYR D 44 6.87 -5.62 32.16
CA TYR D 44 5.84 -4.67 32.53
C TYR D 44 4.46 -5.13 32.06
N VAL D 45 4.40 -5.73 30.86
CA VAL D 45 3.16 -6.34 30.44
C VAL D 45 2.77 -7.45 31.41
N TYR D 46 3.75 -8.20 31.89
CA TYR D 46 3.44 -9.26 32.84
C TYR D 46 2.95 -8.70 34.17
N LYS D 47 3.52 -7.58 34.61
CA LYS D 47 3.02 -6.98 35.84
C LYS D 47 1.60 -6.50 35.68
N VAL D 48 1.28 -5.84 34.57
CA VAL D 48 -0.09 -5.38 34.36
C VAL D 48 -1.03 -6.57 34.25
N LEU D 49 -0.56 -7.67 33.66
CA LEU D 49 -1.37 -8.88 33.61
C LEU D 49 -1.67 -9.38 35.01
N LYS D 50 -0.63 -9.59 35.83
CA LYS D 50 -0.87 -10.03 37.19
C LYS D 50 -1.67 -9.02 38.00
N GLN D 51 -1.82 -7.79 37.49
CA GLN D 51 -2.76 -6.87 38.12
C GLN D 51 -4.21 -7.16 37.71
N VAL D 52 -4.44 -7.44 36.43
CA VAL D 52 -5.82 -7.52 35.95
C VAL D 52 -6.39 -8.92 36.08
N HIS D 53 -5.61 -9.95 35.78
CA HIS D 53 -6.04 -11.34 35.89
C HIS D 53 -4.98 -12.07 36.69
N PRO D 54 -5.09 -12.08 38.02
CA PRO D 54 -3.99 -12.57 38.85
C PRO D 54 -3.58 -13.99 38.56
N ASP D 55 -4.54 -14.90 38.36
CA ASP D 55 -4.23 -16.29 38.02
C ASP D 55 -4.47 -16.49 36.53
N THR D 56 -3.49 -16.09 35.73
CA THR D 56 -3.54 -16.20 34.28
C THR D 56 -2.15 -15.95 33.74
N GLY D 57 -1.72 -16.79 32.80
CA GLY D 57 -0.45 -16.63 32.13
C GLY D 57 -0.62 -16.03 30.75
N ILE D 58 0.52 -15.89 30.07
CA ILE D 58 0.53 -15.34 28.73
C ILE D 58 1.67 -16.00 27.97
N SER D 59 1.36 -16.54 26.80
CA SER D 59 2.37 -17.30 26.08
C SER D 59 3.41 -16.36 25.47
N SER D 60 4.44 -16.95 24.90
CA SER D 60 5.51 -16.15 24.32
C SER D 60 5.04 -15.41 23.08
N LYS D 61 4.18 -16.04 22.28
CA LYS D 61 3.69 -15.37 21.08
C LYS D 61 2.82 -14.19 21.43
N ALA D 62 1.90 -14.36 22.37
CA ALA D 62 1.08 -13.24 22.81
C ALA D 62 1.93 -12.17 23.51
N MET D 63 3.01 -12.58 24.16
CA MET D 63 3.92 -11.61 24.74
C MET D 63 4.57 -10.77 23.64
N GLY D 64 5.03 -11.42 22.58
CA GLY D 64 5.57 -10.66 21.46
C GLY D 64 4.55 -9.75 20.82
N ILE D 65 3.29 -10.19 20.76
CA ILE D 65 2.27 -9.36 20.15
C ILE D 65 1.98 -8.14 21.02
N MET D 66 1.92 -8.33 22.34
CA MET D 66 1.74 -7.17 23.20
C MET D 66 2.95 -6.24 23.15
N ASN D 67 4.14 -6.78 22.96
CA ASN D 67 5.31 -5.94 22.76
C ASN D 67 5.14 -5.07 21.53
N SER D 68 4.77 -5.69 20.41
CA SER D 68 4.56 -4.92 19.18
C SER D 68 3.46 -3.89 19.36
N PHE D 69 2.42 -4.23 20.11
CA PHE D 69 1.33 -3.29 20.31
C PHE D 69 1.77 -2.09 21.12
N VAL D 70 2.54 -2.32 22.18
CA VAL D 70 3.03 -1.22 23.00
C VAL D 70 3.95 -0.33 22.17
N ASN D 71 4.84 -0.94 21.39
CA ASN D 71 5.72 -0.13 20.55
C ASN D 71 4.94 0.68 19.54
N ASP D 72 3.94 0.07 18.92
CA ASP D 72 3.15 0.77 17.90
C ASP D 72 2.41 1.95 18.49
N ILE D 73 1.71 1.74 19.60
CA ILE D 73 0.96 2.85 20.19
C ILE D 73 1.90 3.92 20.71
N PHE D 74 3.04 3.53 21.29
CA PHE D 74 4.02 4.52 21.70
C PHE D 74 4.46 5.36 20.53
N GLU D 75 4.77 4.72 19.41
CA GLU D 75 5.26 5.44 18.25
C GLU D 75 4.18 6.36 17.68
N ARG D 76 2.93 5.90 17.67
CA ARG D 76 1.85 6.76 17.19
C ARG D 76 1.71 7.99 18.05
N ILE D 77 1.61 7.81 19.37
CA ILE D 77 1.40 8.95 20.25
C ILE D 77 2.59 9.88 20.19
N ALA D 78 3.80 9.35 20.15
CA ALA D 78 4.98 10.20 20.14
C ALA D 78 5.11 10.95 18.83
N GLY D 79 4.79 10.31 17.71
CA GLY D 79 4.84 11.00 16.44
C GLY D 79 3.80 12.09 16.34
N GLU D 80 2.59 11.83 16.84
CA GLU D 80 1.57 12.87 16.81
C GLU D 80 1.93 14.02 17.73
N ALA D 81 2.52 13.73 18.89
CA ALA D 81 2.94 14.81 19.78
C ALA D 81 4.05 15.64 19.16
N SER D 82 5.03 14.97 18.54
CA SER D 82 6.07 15.68 17.81
C SER D 82 5.48 16.59 16.76
N ARG D 83 4.53 16.07 15.99
CA ARG D 83 3.93 16.86 14.92
C ARG D 83 3.15 18.05 15.47
N LEU D 84 2.48 17.88 16.60
CA LEU D 84 1.80 19.01 17.24
C LEU D 84 2.80 20.08 17.67
N ALA D 85 3.89 19.65 18.30
CA ALA D 85 4.90 20.62 18.74
C ALA D 85 5.47 21.37 17.55
N HIS D 86 5.71 20.69 16.43
CA HIS D 86 6.18 21.41 15.25
C HIS D 86 5.13 22.35 14.70
N TYR D 87 3.85 21.97 14.81
CA TYR D 87 2.79 22.86 14.34
C TYR D 87 2.81 24.17 15.11
N ASN D 88 2.83 24.10 16.42
CA ASN D 88 2.82 25.33 17.21
C ASN D 88 4.19 25.94 17.39
N LYS D 89 5.16 25.54 16.57
CA LYS D 89 6.49 26.14 16.55
C LYS D 89 7.14 26.13 17.93
N ARG D 90 6.88 25.07 18.69
CA ARG D 90 7.46 24.92 20.00
C ARG D 90 8.41 23.74 20.02
N SER D 91 9.33 23.75 20.99
CA SER D 91 10.45 22.83 20.99
C SER D 91 10.31 21.69 21.98
N THR D 92 9.38 21.79 22.93
CA THR D 92 9.29 20.85 24.03
C THR D 92 7.99 20.06 23.92
N ILE D 93 8.12 18.74 23.91
CA ILE D 93 6.96 17.88 24.12
C ILE D 93 6.63 17.90 25.60
N THR D 94 5.36 18.11 25.92
CA THR D 94 4.93 18.17 27.30
C THR D 94 3.75 17.23 27.52
N SER D 95 3.25 17.22 28.74
CA SER D 95 2.01 16.50 29.01
C SER D 95 0.86 17.08 28.22
N ARG D 96 0.93 18.37 27.88
CA ARG D 96 -0.10 18.96 27.04
C ARG D 96 -0.09 18.36 25.65
N GLU D 97 1.10 18.29 25.03
CA GLU D 97 1.20 17.70 23.71
C GLU D 97 0.81 16.24 23.74
N ILE D 98 1.22 15.51 24.77
CA ILE D 98 0.89 14.09 24.84
C ILE D 98 -0.60 13.91 25.01
N GLN D 99 -1.24 14.76 25.80
CA GLN D 99 -2.68 14.65 26.00
C GLN D 99 -3.43 14.92 24.70
N THR D 100 -2.99 15.92 23.95
CA THR D 100 -3.66 16.18 22.68
C THR D 100 -3.45 15.05 21.70
N ALA D 101 -2.24 14.47 21.68
CA ALA D 101 -2.01 13.34 20.79
C ALA D 101 -2.85 12.14 21.17
N VAL D 102 -3.06 11.92 22.46
CA VAL D 102 -3.91 10.83 22.90
C VAL D 102 -5.36 11.09 22.49
N ARG D 103 -5.82 12.32 22.66
CA ARG D 103 -7.20 12.64 22.27
C ARG D 103 -7.39 12.64 20.77
N LEU D 104 -6.31 12.73 20.01
CA LEU D 104 -6.43 12.61 18.56
C LEU D 104 -6.42 11.15 18.12
N LEU D 105 -5.56 10.34 18.73
CA LEU D 105 -5.35 8.97 18.25
C LEU D 105 -6.29 7.95 18.86
N LEU D 106 -6.85 8.20 20.03
CA LEU D 106 -7.68 7.08 20.43
C LEU D 106 -9.15 7.40 20.25
N PRO D 107 -9.97 6.41 19.91
CA PRO D 107 -11.41 6.66 19.75
C PRO D 107 -12.04 7.00 21.09
N GLY D 108 -13.26 7.54 21.01
CA GLY D 108 -13.86 8.29 22.09
C GLY D 108 -13.65 7.84 23.52
N GLU D 109 -14.13 6.64 23.87
CA GLU D 109 -14.08 6.23 25.26
C GLU D 109 -12.68 5.86 25.70
N LEU D 110 -11.93 5.18 24.82
CA LEU D 110 -10.52 4.91 25.12
C LEU D 110 -9.77 6.20 25.37
N ALA D 111 -10.02 7.22 24.55
CA ALA D 111 -9.33 8.50 24.72
C ALA D 111 -9.69 9.16 26.03
N LYS D 112 -10.98 9.17 26.36
CA LYS D 112 -11.42 9.78 27.61
C LYS D 112 -10.76 9.11 28.81
N HIS D 113 -10.78 7.78 28.84
CA HIS D 113 -10.21 7.08 30.00
C HIS D 113 -8.69 7.15 30.02
N ALA D 114 -8.04 7.17 28.86
CA ALA D 114 -6.60 7.29 28.83
C ALA D 114 -6.16 8.66 29.30
N VAL D 115 -6.89 9.71 28.92
CA VAL D 115 -6.61 11.03 29.43
C VAL D 115 -6.80 11.06 30.93
N SER D 116 -7.85 10.42 31.43
CA SER D 116 -8.06 10.34 32.87
C SER D 116 -6.85 9.71 33.55
N GLU D 117 -6.42 8.54 33.08
CA GLU D 117 -5.31 7.84 33.72
C GLU D 117 -4.03 8.65 33.64
N GLY D 118 -3.74 9.26 32.50
CA GLY D 118 -2.52 10.04 32.38
C GLY D 118 -2.51 11.26 33.28
N THR D 119 -3.64 11.96 33.38
CA THR D 119 -3.69 13.11 34.27
C THR D 119 -3.54 12.68 35.71
N LYS D 120 -4.20 11.59 36.10
CA LYS D 120 -4.03 11.06 37.45
C LYS D 120 -2.57 10.77 37.73
N ALA D 121 -1.89 10.12 36.78
CA ALA D 121 -0.49 9.77 36.99
C ALA D 121 0.38 11.00 37.12
N VAL D 122 0.14 12.01 36.29
CA VAL D 122 0.99 13.20 36.33
C VAL D 122 0.78 13.97 37.63
N THR D 123 -0.47 14.07 38.09
CA THR D 123 -0.70 14.75 39.37
C THR D 123 -0.05 13.99 40.52
N LYS D 124 -0.19 12.66 40.53
CA LYS D 124 0.45 11.89 41.59
C LYS D 124 1.97 11.98 41.51
N TYR D 125 2.51 12.14 40.30
CA TYR D 125 3.95 12.23 40.13
C TYR D 125 4.49 13.60 40.53
N THR D 126 3.69 14.64 40.39
CA THR D 126 4.16 15.96 40.81
C THR D 126 3.91 16.20 42.29
N SER D 127 2.89 15.58 42.87
CA SER D 127 2.67 15.73 44.31
C SER D 127 3.89 15.26 45.08
N ALA D 128 4.20 13.97 44.98
CA ALA D 128 5.48 13.50 45.45
C ALA D 128 6.59 14.11 44.60
N LYS D 129 7.77 14.23 45.20
CA LYS D 129 8.91 14.84 44.50
C LYS D 129 10.23 14.49 45.19
N HIS E 43 -23.56 -41.51 4.14
CA HIS E 43 -23.81 -41.77 2.73
C HIS E 43 -23.50 -40.54 1.86
N ARG E 44 -24.35 -39.51 1.90
CA ARG E 44 -24.12 -38.28 1.18
C ARG E 44 -24.61 -37.09 1.99
N TYR E 45 -24.00 -35.94 1.75
CA TYR E 45 -24.39 -34.69 2.36
C TYR E 45 -24.95 -33.77 1.29
N ARG E 46 -25.97 -33.00 1.65
CA ARG E 46 -26.49 -32.00 0.73
C ARG E 46 -25.40 -30.99 0.42
N PRO E 47 -25.20 -30.62 -0.85
CA PRO E 47 -24.16 -29.63 -1.18
C PRO E 47 -24.38 -28.32 -0.45
N GLY E 48 -23.41 -27.95 0.38
CA GLY E 48 -23.53 -26.76 1.18
C GLY E 48 -23.27 -27.04 2.65
N THR E 49 -23.68 -28.22 3.11
CA THR E 49 -23.46 -28.55 4.51
C THR E 49 -21.98 -28.77 4.80
N VAL E 50 -21.28 -29.44 3.89
CA VAL E 50 -19.84 -29.59 4.06
C VAL E 50 -19.14 -28.25 3.92
N ALA E 51 -19.66 -27.38 3.07
CA ALA E 51 -19.11 -26.03 2.97
C ALA E 51 -19.21 -25.30 4.29
N LEU E 52 -20.39 -25.31 4.91
CA LEU E 52 -20.54 -24.63 6.18
C LEU E 52 -19.71 -25.28 7.29
N ARG E 53 -19.58 -26.61 7.26
CA ARG E 53 -18.72 -27.27 8.23
C ARG E 53 -17.27 -26.82 8.08
N GLU E 54 -16.80 -26.74 6.84
CA GLU E 54 -15.46 -26.24 6.59
C GLU E 54 -15.31 -24.80 7.05
N ILE E 55 -16.35 -23.99 6.83
CA ILE E 55 -16.28 -22.60 7.26
C ILE E 55 -16.12 -22.51 8.76
N ARG E 56 -16.94 -23.24 9.51
CA ARG E 56 -16.81 -23.22 10.96
C ARG E 56 -15.45 -23.72 11.39
N ARG E 57 -14.96 -24.78 10.74
CA ARG E 57 -13.67 -25.34 11.13
C ARG E 57 -12.55 -24.34 10.93
N TYR E 58 -12.50 -23.68 9.77
CA TYR E 58 -11.41 -22.78 9.47
C TYR E 58 -11.58 -21.41 10.09
N GLN E 59 -12.74 -21.08 10.62
CA GLN E 59 -12.83 -19.89 11.44
C GLN E 59 -12.61 -20.19 12.93
N LYS E 60 -12.65 -21.45 13.33
CA LYS E 60 -12.22 -21.80 14.69
C LYS E 60 -10.71 -21.76 14.80
N SER E 61 -10.00 -22.21 13.77
CA SER E 61 -8.58 -22.44 13.86
C SER E 61 -7.79 -21.16 13.62
N THR E 62 -6.47 -21.27 13.71
CA THR E 62 -5.57 -20.15 13.47
C THR E 62 -4.37 -20.48 12.60
N GLU E 63 -4.11 -21.75 12.31
CA GLU E 63 -2.89 -22.12 11.60
C GLU E 63 -2.90 -21.54 10.19
N LEU E 64 -1.73 -21.59 9.55
CA LEU E 64 -1.62 -21.06 8.21
C LEU E 64 -2.18 -22.04 7.20
N LEU E 65 -2.95 -21.52 6.25
CA LEU E 65 -3.67 -22.38 5.31
C LEU E 65 -2.90 -22.65 4.04
N ILE E 66 -2.09 -21.72 3.59
CA ILE E 66 -1.15 -22.00 2.51
C ILE E 66 -0.04 -22.86 3.08
N ARG E 67 0.59 -23.66 2.24
CA ARG E 67 1.63 -24.56 2.71
C ARG E 67 2.99 -23.91 2.63
N LYS E 68 3.78 -24.11 3.69
CA LYS E 68 4.93 -23.25 3.94
C LYS E 68 6.00 -23.40 2.87
N LEU E 69 6.23 -24.60 2.39
CA LEU E 69 7.33 -24.78 1.45
C LEU E 69 6.99 -24.21 0.07
N PRO E 70 5.79 -24.45 -0.47
CA PRO E 70 5.44 -23.76 -1.71
C PRO E 70 5.40 -22.25 -1.57
N PHE E 71 4.87 -21.74 -0.46
CA PHE E 71 4.85 -20.30 -0.30
C PHE E 71 6.26 -19.74 -0.24
N GLN E 72 7.18 -20.44 0.42
CA GLN E 72 8.54 -19.97 0.52
C GLN E 72 9.22 -19.99 -0.84
N ARG E 73 8.96 -21.01 -1.65
CA ARG E 73 9.50 -21.03 -3.01
C ARG E 73 8.97 -19.86 -3.82
N LEU E 74 7.69 -19.55 -3.66
CA LEU E 74 7.12 -18.40 -4.37
C LEU E 74 7.79 -17.10 -3.94
N VAL E 75 7.96 -16.92 -2.63
CA VAL E 75 8.60 -15.71 -2.11
C VAL E 75 10.00 -15.58 -2.68
N ARG E 76 10.76 -16.67 -2.69
CA ARG E 76 12.13 -16.60 -3.20
C ARG E 76 12.16 -16.27 -4.69
N GLU E 77 11.27 -16.89 -5.48
CA GLU E 77 11.27 -16.56 -6.90
C GLU E 77 10.85 -15.13 -7.16
N ILE E 78 9.94 -14.59 -6.36
CA ILE E 78 9.53 -13.20 -6.54
C ILE E 78 10.69 -12.28 -6.21
N ALA E 79 11.32 -12.48 -5.05
CA ALA E 79 12.45 -11.64 -4.67
C ALA E 79 13.62 -11.78 -5.64
N GLN E 80 13.73 -12.91 -6.33
CA GLN E 80 14.79 -13.11 -7.31
C GLN E 80 14.82 -12.03 -8.38
N ASP E 81 13.75 -11.25 -8.52
CA ASP E 81 13.67 -10.24 -9.57
C ASP E 81 14.06 -8.86 -9.08
N PHE E 82 14.35 -8.70 -7.79
CA PHE E 82 14.80 -7.44 -7.25
C PHE E 82 16.26 -7.43 -6.85
N LYS E 83 16.77 -8.56 -6.36
CA LYS E 83 18.17 -8.65 -5.97
C LYS E 83 18.53 -10.13 -5.95
N THR E 84 19.50 -10.52 -6.77
CA THR E 84 19.88 -11.92 -6.83
C THR E 84 20.69 -12.30 -5.60
N ASP E 85 20.69 -13.60 -5.30
CA ASP E 85 21.41 -14.14 -4.13
C ASP E 85 20.94 -13.46 -2.85
N LEU E 86 19.63 -13.51 -2.64
CA LEU E 86 19.04 -13.01 -1.41
C LEU E 86 18.93 -14.13 -0.39
N ARG E 87 18.67 -13.75 0.85
CA ARG E 87 18.47 -14.71 1.92
C ARG E 87 17.34 -14.24 2.79
N PHE E 88 16.58 -15.19 3.32
CA PHE E 88 15.39 -14.88 4.08
C PHE E 88 15.48 -15.54 5.44
N GLN E 89 15.38 -14.77 6.50
CA GLN E 89 15.13 -15.36 7.80
C GLN E 89 13.83 -16.14 7.75
N SER E 90 13.86 -17.37 8.25
CA SER E 90 12.63 -18.14 8.37
C SER E 90 11.53 -17.33 9.05
N SER E 91 11.90 -16.49 10.00
CA SER E 91 10.94 -15.58 10.59
C SER E 91 10.41 -14.60 9.57
N ALA E 92 11.25 -14.17 8.62
CA ALA E 92 10.77 -13.25 7.59
C ALA E 92 9.77 -13.92 6.67
N VAL E 93 10.03 -15.17 6.29
CA VAL E 93 9.08 -15.87 5.44
C VAL E 93 7.77 -16.12 6.19
N MET E 94 7.86 -16.44 7.48
CA MET E 94 6.64 -16.62 8.26
C MET E 94 5.86 -15.31 8.36
N ALA E 95 6.56 -14.18 8.49
CA ALA E 95 5.88 -12.90 8.53
C ALA E 95 5.17 -12.62 7.22
N LEU E 96 5.86 -12.85 6.10
CA LEU E 96 5.25 -12.66 4.80
C LEU E 96 4.02 -13.54 4.65
N GLN E 97 4.08 -14.76 5.15
CA GLN E 97 2.95 -15.66 5.00
C GLN E 97 1.76 -15.23 5.85
N GLU E 98 2.01 -14.83 7.09
CA GLU E 98 0.93 -14.29 7.91
C GLU E 98 0.30 -13.09 7.23
N ALA E 99 1.11 -12.19 6.70
CA ALA E 99 0.58 -11.00 6.05
C ALA E 99 -0.25 -11.37 4.82
N CYS E 100 0.26 -12.27 4.00
CA CYS E 100 -0.45 -12.63 2.77
C CYS E 100 -1.75 -13.35 3.08
N GLU E 101 -1.76 -14.22 4.08
CA GLU E 101 -2.99 -14.92 4.39
C GLU E 101 -4.02 -13.99 5.00
N ALA E 102 -3.58 -13.06 5.85
CA ALA E 102 -4.52 -12.06 6.35
C ALA E 102 -5.09 -11.22 5.23
N TYR E 103 -4.24 -10.82 4.28
CA TYR E 103 -4.69 -10.06 3.13
C TYR E 103 -5.76 -10.83 2.37
N LEU E 104 -5.45 -12.05 1.96
CA LEU E 104 -6.39 -12.82 1.15
C LEU E 104 -7.67 -13.13 1.90
N VAL E 105 -7.59 -13.35 3.21
CA VAL E 105 -8.81 -13.60 3.97
C VAL E 105 -9.69 -12.36 3.99
N GLY E 106 -9.10 -11.18 4.19
CA GLY E 106 -9.92 -9.97 4.20
C GLY E 106 -10.47 -9.69 2.82
N LEU E 107 -9.69 -9.94 1.78
CA LEU E 107 -10.17 -9.75 0.42
C LEU E 107 -11.32 -10.68 0.11
N PHE E 108 -11.27 -11.90 0.65
CA PHE E 108 -12.36 -12.83 0.40
C PHE E 108 -13.60 -12.48 1.21
N GLU E 109 -13.44 -11.87 2.38
CA GLU E 109 -14.60 -11.35 3.08
C GLU E 109 -15.28 -10.25 2.28
N ASP E 110 -14.50 -9.32 1.74
CA ASP E 110 -15.07 -8.26 0.92
C ASP E 110 -15.69 -8.82 -0.35
N THR E 111 -15.05 -9.82 -0.95
CA THR E 111 -15.61 -10.47 -2.14
C THR E 111 -16.93 -11.14 -1.83
N ASN E 112 -17.02 -11.82 -0.69
CA ASN E 112 -18.28 -12.44 -0.29
C ASN E 112 -19.36 -11.40 -0.11
N LEU E 113 -19.00 -10.24 0.45
CA LEU E 113 -19.98 -9.18 0.59
C LEU E 113 -20.46 -8.69 -0.77
N CYS E 114 -19.55 -8.50 -1.71
CA CYS E 114 -19.95 -8.11 -3.06
C CYS E 114 -20.90 -9.13 -3.68
N ALA E 115 -20.55 -10.41 -3.60
CA ALA E 115 -21.38 -11.44 -4.19
C ALA E 115 -22.77 -11.44 -3.57
N ILE E 116 -22.84 -11.52 -2.25
CA ILE E 116 -24.13 -11.45 -1.56
C ILE E 116 -24.90 -10.22 -2.00
N HIS E 117 -24.21 -9.10 -2.19
CA HIS E 117 -24.87 -7.90 -2.68
C HIS E 117 -25.48 -8.10 -4.05
N ALA E 118 -24.84 -8.88 -4.90
CA ALA E 118 -25.35 -9.14 -6.23
C ALA E 118 -26.37 -10.26 -6.25
N LYS E 119 -27.00 -10.56 -5.12
CA LYS E 119 -28.02 -11.60 -4.98
C LYS E 119 -27.48 -12.99 -5.24
N ARG E 120 -26.16 -13.13 -5.30
CA ARG E 120 -25.53 -14.41 -5.57
C ARG E 120 -25.14 -15.10 -4.27
N VAL E 121 -24.55 -16.28 -4.43
CA VAL E 121 -23.82 -16.95 -3.36
C VAL E 121 -22.43 -17.37 -3.78
N THR E 122 -22.20 -17.56 -5.06
CA THR E 122 -20.90 -17.94 -5.60
C THR E 122 -20.09 -16.68 -5.85
N ILE E 123 -18.95 -16.54 -5.16
CA ILE E 123 -18.07 -15.41 -5.45
C ILE E 123 -17.48 -15.58 -6.83
N MET E 124 -17.15 -14.46 -7.46
CA MET E 124 -16.72 -14.48 -8.85
C MET E 124 -15.60 -13.47 -9.05
N PRO E 125 -14.83 -13.61 -10.14
CA PRO E 125 -13.77 -12.65 -10.40
C PRO E 125 -14.26 -11.22 -10.48
N LYS E 126 -15.47 -11.00 -10.98
CA LYS E 126 -16.01 -9.64 -10.97
C LYS E 126 -16.21 -9.14 -9.55
N ASP E 127 -16.52 -10.04 -8.61
CA ASP E 127 -16.63 -9.63 -7.22
C ASP E 127 -15.26 -9.27 -6.66
N ILE E 128 -14.25 -10.09 -6.93
CA ILE E 128 -12.92 -9.76 -6.45
C ILE E 128 -12.47 -8.42 -7.01
N GLN E 129 -12.75 -8.17 -8.28
CA GLN E 129 -12.34 -6.92 -8.90
C GLN E 129 -13.07 -5.74 -8.31
N LEU E 130 -14.37 -5.88 -8.05
CA LEU E 130 -15.09 -4.78 -7.43
C LEU E 130 -14.55 -4.49 -6.04
N ALA E 131 -14.28 -5.53 -5.26
CA ALA E 131 -13.74 -5.32 -3.92
C ALA E 131 -12.41 -4.59 -3.99
N ARG E 132 -11.51 -5.03 -4.86
CA ARG E 132 -10.23 -4.37 -4.98
C ARG E 132 -10.38 -2.93 -5.43
N ARG E 133 -11.25 -2.68 -6.40
CA ARG E 133 -11.40 -1.32 -6.91
C ARG E 133 -11.95 -0.39 -5.85
N ILE E 134 -12.94 -0.85 -5.09
CA ILE E 134 -13.50 -0.01 -4.04
C ILE E 134 -12.48 0.23 -2.95
N ARG E 135 -11.67 -0.79 -2.62
CA ARG E 135 -10.64 -0.60 -1.61
C ARG E 135 -9.53 0.30 -2.09
N GLY E 136 -9.36 0.46 -3.39
CA GLY E 136 -8.38 1.36 -3.92
C GLY E 136 -7.07 0.73 -4.30
N GLU E 137 -7.07 -0.52 -4.74
CA GLU E 137 -5.85 -1.21 -5.11
C GLU E 137 -5.66 -1.31 -6.61
N ARG E 138 -6.70 -1.06 -7.39
CA ARG E 138 -6.60 -1.12 -8.84
C ARG E 138 -7.51 -0.06 -9.46
N ALA E 139 -6.92 0.83 -10.24
CA ALA E 139 -7.65 1.93 -10.86
C ALA E 139 -8.57 1.42 -11.97
N ALA F 14 34.23 35.94 4.26
CA ALA F 14 33.30 35.49 3.23
C ALA F 14 33.69 36.03 1.85
N ARG F 15 34.95 35.81 1.49
CA ARG F 15 35.47 36.25 0.20
C ARG F 15 35.25 35.13 -0.82
N ALA F 16 35.89 35.24 -1.99
CA ALA F 16 35.72 34.26 -3.07
C ALA F 16 34.25 34.14 -3.47
N LYS F 17 33.80 35.21 -4.14
CA LYS F 17 32.38 35.59 -4.24
C LYS F 17 31.45 34.40 -4.29
N ALA F 18 30.39 34.48 -3.49
CA ALA F 18 29.54 33.35 -3.17
C ALA F 18 28.57 33.04 -4.30
N LYS F 19 28.37 31.76 -4.58
CA LYS F 19 27.32 31.27 -5.46
C LYS F 19 26.48 30.27 -4.68
N THR F 20 25.17 30.27 -4.94
CA THR F 20 24.26 29.44 -4.17
C THR F 20 24.58 27.96 -4.39
N ARG F 21 24.28 27.16 -3.37
CA ARG F 21 24.42 25.72 -3.49
C ARG F 21 23.57 25.20 -4.64
N SER F 22 22.39 25.78 -4.84
CA SER F 22 21.57 25.42 -5.99
C SER F 22 22.34 25.60 -7.28
N SER F 23 22.89 26.80 -7.50
CA SER F 23 23.66 27.06 -8.70
C SER F 23 24.82 26.08 -8.84
N ARG F 24 25.49 25.77 -7.72
CA ARG F 24 26.58 24.81 -7.77
C ARG F 24 26.08 23.42 -8.16
N ALA F 25 24.82 23.12 -7.86
CA ALA F 25 24.22 21.83 -8.19
C ALA F 25 23.49 21.84 -9.52
N GLY F 26 23.19 23.02 -10.07
CA GLY F 26 22.46 23.08 -11.32
C GLY F 26 20.98 22.93 -11.16
N LEU F 27 20.43 23.31 -10.02
CA LEU F 27 19.02 23.17 -9.72
C LEU F 27 18.36 24.53 -9.65
N GLN F 28 17.03 24.52 -9.66
CA GLN F 28 16.25 25.72 -9.44
C GLN F 28 15.58 25.75 -8.07
N PHE F 29 15.59 24.64 -7.34
CA PHE F 29 15.00 24.66 -6.02
C PHE F 29 16.04 25.00 -4.96
N PRO F 30 15.63 25.57 -3.84
CA PRO F 30 16.60 26.11 -2.88
C PRO F 30 17.23 25.02 -2.03
N VAL F 31 18.49 24.69 -2.34
CA VAL F 31 19.18 23.69 -1.55
C VAL F 31 19.42 24.20 -0.14
N GLY F 32 19.68 25.50 0.01
CA GLY F 32 19.87 26.04 1.35
C GLY F 32 18.61 25.99 2.18
N ARG F 33 17.48 26.31 1.59
CA ARG F 33 16.22 26.22 2.32
C ARG F 33 15.89 24.77 2.65
N VAL F 34 16.17 23.85 1.73
CA VAL F 34 15.91 22.44 2.02
C VAL F 34 16.78 21.97 3.17
N HIS F 35 18.04 22.42 3.21
CA HIS F 35 18.92 22.08 4.33
C HIS F 35 18.36 22.63 5.64
N ARG F 36 17.91 23.89 5.62
CA ARG F 36 17.35 24.49 6.82
C ARG F 36 16.13 23.72 7.30
N LEU F 37 15.31 23.23 6.36
CA LEU F 37 14.11 22.48 6.73
C LEU F 37 14.45 21.09 7.25
N LEU F 38 15.47 20.46 6.68
CA LEU F 38 15.91 19.17 7.21
C LEU F 38 16.56 19.31 8.57
N ARG F 39 17.09 20.48 8.91
CA ARG F 39 17.65 20.68 10.23
C ARG F 39 16.57 21.04 11.24
N LYS F 40 15.83 22.11 10.98
CA LYS F 40 14.77 22.52 11.90
C LYS F 40 13.51 21.73 11.64
N GLY F 41 13.62 20.41 11.56
CA GLY F 41 12.46 19.59 11.33
C GLY F 41 12.49 18.35 12.20
N ASN F 42 13.59 18.18 12.92
CA ASN F 42 13.79 17.07 13.83
C ASN F 42 13.58 15.74 13.11
N TYR F 43 14.39 15.54 12.07
CA TYR F 43 14.42 14.28 11.34
C TYR F 43 15.60 13.43 11.79
N SER F 44 16.74 14.07 12.04
CA SER F 44 17.91 13.42 12.59
C SER F 44 18.84 14.46 13.15
N GLU F 45 19.76 14.03 14.01
CA GLU F 45 20.69 14.95 14.64
C GLU F 45 21.53 15.65 13.59
N ARG F 46 22.30 14.89 12.84
CA ARG F 46 23.11 15.42 11.76
C ARG F 46 22.39 15.30 10.44
N VAL F 47 22.82 16.09 9.46
CA VAL F 47 22.25 16.09 8.13
C VAL F 47 23.39 16.21 7.13
N GLY F 48 23.57 15.19 6.30
CA GLY F 48 24.67 15.18 5.36
C GLY F 48 24.66 16.38 4.45
N ALA F 49 25.76 16.52 3.70
CA ALA F 49 25.88 17.66 2.81
C ALA F 49 25.21 17.42 1.47
N GLY F 50 25.17 16.17 1.02
CA GLY F 50 24.49 15.83 -0.21
C GLY F 50 23.03 15.50 -0.04
N ALA F 51 22.56 15.36 1.19
CA ALA F 51 21.14 15.11 1.40
C ALA F 51 20.26 16.26 0.93
N PRO F 52 20.52 17.52 1.27
CA PRO F 52 19.66 18.58 0.75
C PRO F 52 19.73 18.69 -0.75
N VAL F 53 20.89 18.47 -1.34
CA VAL F 53 21.03 18.54 -2.79
C VAL F 53 20.18 17.45 -3.44
N TYR F 54 20.27 16.23 -2.92
CA TYR F 54 19.50 15.13 -3.48
C TYR F 54 18.01 15.40 -3.36
N LEU F 55 17.58 15.85 -2.18
CA LEU F 55 16.16 16.10 -1.96
C LEU F 55 15.64 17.23 -2.83
N ALA F 56 16.44 18.28 -3.01
CA ALA F 56 16.00 19.38 -3.87
C ALA F 56 15.94 18.94 -5.32
N ALA F 57 16.88 18.11 -5.75
CA ALA F 57 16.81 17.60 -7.12
C ALA F 57 15.56 16.78 -7.33
N VAL F 58 15.20 15.95 -6.34
CA VAL F 58 14.01 15.11 -6.49
C VAL F 58 12.75 15.96 -6.47
N LEU F 59 12.68 16.95 -5.60
CA LEU F 59 11.50 17.81 -5.55
C LEU F 59 11.35 18.61 -6.84
N GLU F 60 12.46 19.12 -7.38
CA GLU F 60 12.37 19.86 -8.63
C GLU F 60 11.98 18.94 -9.77
N TYR F 61 12.49 17.70 -9.77
CA TYR F 61 12.09 16.76 -10.81
C TYR F 61 10.59 16.50 -10.76
N LEU F 62 10.05 16.24 -9.58
CA LEU F 62 8.63 15.96 -9.48
C LEU F 62 7.80 17.17 -9.87
N THR F 63 8.24 18.37 -9.49
CA THR F 63 7.52 19.57 -9.87
C THR F 63 7.50 19.73 -11.38
N ALA F 64 8.65 19.52 -12.03
CA ALA F 64 8.68 19.60 -13.49
C ALA F 64 7.80 18.54 -14.12
N GLU F 65 7.79 17.34 -13.55
CA GLU F 65 6.98 16.27 -14.09
C GLU F 65 5.50 16.57 -14.00
N ILE F 66 5.07 17.26 -12.93
CA ILE F 66 3.66 17.60 -12.83
C ILE F 66 3.33 18.79 -13.72
N LEU F 67 4.19 19.80 -13.73
CA LEU F 67 3.90 21.00 -14.49
C LEU F 67 3.91 20.75 -15.98
N GLU F 68 4.69 19.79 -16.45
CA GLU F 68 4.68 19.48 -17.88
C GLU F 68 3.32 18.98 -18.31
N LEU F 69 2.79 17.99 -17.59
CA LEU F 69 1.46 17.48 -17.92
C LEU F 69 0.38 18.52 -17.70
N ALA F 70 0.52 19.36 -16.68
CA ALA F 70 -0.47 20.41 -16.47
C ALA F 70 -0.48 21.41 -17.61
N GLY F 71 0.70 21.82 -18.08
CA GLY F 71 0.77 22.71 -19.21
C GLY F 71 0.24 22.08 -20.49
N ASN F 72 0.49 20.79 -20.67
CA ASN F 72 -0.07 20.09 -21.82
C ASN F 72 -1.59 20.10 -21.77
N ALA F 73 -2.17 19.88 -20.58
CA ALA F 73 -3.62 19.91 -20.47
C ALA F 73 -4.15 21.32 -20.73
N ALA F 74 -3.50 22.34 -20.17
CA ALA F 74 -3.94 23.71 -20.40
C ALA F 74 -3.83 24.10 -21.86
N ARG F 75 -2.85 23.55 -22.57
CA ARG F 75 -2.73 23.84 -24.00
C ARG F 75 -3.76 23.07 -24.80
N ASP F 76 -4.09 21.85 -24.37
CA ASP F 76 -5.20 21.12 -24.97
C ASP F 76 -6.48 21.93 -24.90
N ASN F 77 -6.81 22.43 -23.71
CA ASN F 77 -8.00 23.25 -23.55
C ASN F 77 -7.83 24.65 -24.12
N LYS F 78 -6.72 24.93 -24.78
CA LYS F 78 -6.44 26.22 -25.40
C LYS F 78 -6.51 27.36 -24.38
N LYS F 79 -5.70 27.22 -23.33
CA LYS F 79 -5.56 28.24 -22.31
C LYS F 79 -4.07 28.50 -22.08
N THR F 80 -3.79 29.54 -21.30
CA THR F 80 -2.43 29.98 -21.04
C THR F 80 -2.03 29.86 -19.58
N ARG F 81 -2.99 29.85 -18.66
CA ARG F 81 -2.70 29.80 -17.23
C ARG F 81 -3.09 28.44 -16.70
N ILE F 82 -2.11 27.70 -16.16
CA ILE F 82 -2.40 26.46 -15.47
C ILE F 82 -3.30 26.73 -14.28
N ILE F 83 -4.31 25.89 -14.11
CA ILE F 83 -5.29 26.08 -13.04
C ILE F 83 -5.48 24.75 -12.32
N PRO F 84 -6.05 24.79 -11.11
CA PRO F 84 -6.29 23.54 -10.37
C PRO F 84 -6.98 22.46 -11.18
N ARG F 85 -7.89 22.82 -12.07
CA ARG F 85 -8.49 21.82 -12.94
C ARG F 85 -7.44 21.11 -13.76
N HIS F 86 -6.48 21.86 -14.32
CA HIS F 86 -5.48 21.25 -15.16
C HIS F 86 -4.52 20.40 -14.33
N LEU F 87 -4.22 20.83 -13.11
CA LEU F 87 -3.41 20.00 -12.23
C LEU F 87 -4.10 18.68 -11.92
N GLN F 88 -5.39 18.75 -11.60
CA GLN F 88 -6.18 17.54 -11.35
C GLN F 88 -6.15 16.61 -12.56
N LEU F 89 -6.40 17.17 -13.75
CA LEU F 89 -6.44 16.36 -14.95
C LEU F 89 -5.10 15.67 -15.19
N ALA F 90 -4.00 16.43 -15.12
CA ALA F 90 -2.68 15.87 -15.30
C ALA F 90 -2.44 14.73 -14.32
N ILE F 91 -2.67 14.98 -13.03
CA ILE F 91 -2.37 14.00 -12.00
C ILE F 91 -3.20 12.74 -12.19
N ARG F 92 -4.51 12.90 -12.35
CA ARG F 92 -5.38 11.73 -12.46
C ARG F 92 -5.14 10.96 -13.74
N ASN F 93 -4.72 11.63 -14.82
CA ASN F 93 -4.50 10.92 -16.07
C ASN F 93 -3.16 10.23 -16.13
N ASP F 94 -2.13 10.77 -15.49
CA ASP F 94 -0.87 10.07 -15.41
C ASP F 94 -1.01 8.87 -14.48
N GLU F 95 -0.45 7.73 -14.88
CA GLU F 95 -0.68 6.50 -14.13
C GLU F 95 0.07 6.51 -12.80
N GLU F 96 1.27 7.08 -12.76
CA GLU F 96 2.09 6.97 -11.58
C GLU F 96 1.94 8.18 -10.65
N LEU F 97 1.75 9.37 -11.20
CA LEU F 97 1.40 10.49 -10.35
C LEU F 97 0.08 10.25 -9.64
N ASN F 98 -0.83 9.50 -10.26
CA ASN F 98 -2.08 9.16 -9.60
C ASN F 98 -1.88 8.12 -8.50
N LYS F 99 -0.78 7.39 -8.54
CA LYS F 99 -0.49 6.46 -7.44
C LYS F 99 0.25 7.15 -6.31
N LEU F 100 1.13 8.09 -6.66
CA LEU F 100 1.83 8.88 -5.65
C LEU F 100 0.88 9.83 -4.95
N LEU F 101 -0.11 10.35 -5.66
CA LEU F 101 -1.08 11.31 -5.15
C LEU F 101 -2.48 10.73 -5.19
N GLY F 102 -2.63 9.48 -4.74
CA GLY F 102 -3.91 8.81 -4.88
C GLY F 102 -4.90 9.16 -3.80
N ARG F 103 -4.43 9.50 -2.61
CA ARG F 103 -5.28 9.87 -1.50
C ARG F 103 -5.18 11.36 -1.23
N VAL F 104 -5.08 12.13 -2.29
CA VAL F 104 -4.90 13.58 -2.22
C VAL F 104 -6.07 14.25 -2.90
N THR F 105 -6.69 15.20 -2.21
CA THR F 105 -7.73 16.05 -2.78
C THR F 105 -7.09 17.34 -3.27
N ILE F 106 -7.49 17.78 -4.44
CA ILE F 106 -6.97 19.00 -5.04
C ILE F 106 -8.11 20.00 -5.11
N ALA F 107 -7.98 21.10 -4.38
CA ALA F 107 -9.07 22.06 -4.26
C ALA F 107 -9.43 22.63 -5.63
N GLN F 108 -10.73 22.68 -5.91
CA GLN F 108 -11.23 23.15 -7.19
C GLN F 108 -10.64 22.34 -8.33
N GLY F 109 -10.64 21.03 -8.18
CA GLY F 109 -10.07 20.18 -9.20
C GLY F 109 -11.11 19.42 -9.98
N GLY F 110 -12.23 19.12 -9.36
CA GLY F 110 -13.22 18.34 -10.07
C GLY F 110 -12.75 16.91 -10.24
N VAL F 111 -13.40 16.21 -11.16
CA VAL F 111 -13.07 14.82 -11.42
C VAL F 111 -12.74 14.63 -12.88
N LEU F 112 -12.40 13.43 -13.27
CA LEU F 112 -12.18 13.15 -14.68
C LEU F 112 -13.52 12.95 -15.37
N PRO F 113 -13.70 13.46 -16.56
CA PRO F 113 -14.88 13.10 -17.34
C PRO F 113 -14.91 11.61 -17.60
N ASN F 114 -15.88 10.92 -17.02
CA ASN F 114 -15.92 9.45 -17.11
C ASN F 114 -17.34 8.98 -16.81
N ILE F 115 -18.01 8.48 -17.83
CA ILE F 115 -19.34 7.87 -17.69
C ILE F 115 -19.18 6.37 -17.91
N GLN F 116 -19.75 5.58 -17.00
CA GLN F 116 -19.71 4.14 -17.14
C GLN F 116 -20.45 3.73 -18.41
N ALA F 117 -20.04 2.58 -18.97
CA ALA F 117 -20.56 2.19 -20.28
C ALA F 117 -21.98 1.68 -20.21
N VAL F 118 -22.43 1.19 -19.05
CA VAL F 118 -23.77 0.63 -18.95
C VAL F 118 -24.84 1.68 -18.74
N LEU F 119 -24.46 2.96 -18.69
CA LEU F 119 -25.45 4.03 -18.54
C LEU F 119 -25.71 4.77 -19.83
N LEU F 120 -24.85 4.61 -20.83
CA LEU F 120 -25.01 5.28 -22.11
C LEU F 120 -26.26 4.77 -22.83
N PRO F 121 -26.80 5.54 -23.76
CA PRO F 121 -28.03 5.13 -24.45
C PRO F 121 -27.74 4.07 -25.51
N LYS F 122 -28.82 3.49 -26.02
CA LYS F 122 -28.73 2.47 -27.06
C LYS F 122 -29.65 2.79 -28.23
N ARG G 37 7.34 36.96 7.35
CA ARG G 37 8.26 36.36 6.39
C ARG G 37 7.75 34.95 6.09
N LYS G 38 6.82 34.86 5.13
CA LYS G 38 6.12 33.62 4.86
C LYS G 38 6.89 32.79 3.85
N GLU G 39 7.15 31.54 4.19
CA GLU G 39 7.97 30.65 3.37
C GLU G 39 7.10 29.95 2.32
N SER G 40 7.64 29.85 1.11
CA SER G 40 6.92 29.26 -0.01
C SER G 40 7.93 28.72 -1.00
N TYR G 41 7.41 28.06 -2.04
CA TYR G 41 8.21 27.62 -3.17
C TYR G 41 7.76 28.28 -4.46
N SER G 42 7.03 29.39 -4.34
CA SER G 42 6.37 29.99 -5.50
C SER G 42 7.37 30.37 -6.57
N ILE G 43 8.46 31.03 -6.19
CA ILE G 43 9.37 31.53 -7.22
C ILE G 43 10.12 30.39 -7.87
N TYR G 44 10.39 29.31 -7.13
CA TYR G 44 11.09 28.19 -7.73
C TYR G 44 10.18 27.38 -8.63
N VAL G 45 8.90 27.28 -8.29
CA VAL G 45 7.97 26.63 -9.20
C VAL G 45 7.77 27.49 -10.44
N TYR G 46 7.76 28.81 -10.29
CA TYR G 46 7.78 29.69 -11.45
C TYR G 46 8.99 29.42 -12.33
N LYS G 47 10.16 29.26 -11.73
CA LYS G 47 11.36 28.99 -12.52
C LYS G 47 11.22 27.67 -13.28
N VAL G 48 10.76 26.62 -12.60
CA VAL G 48 10.64 25.33 -13.26
C VAL G 48 9.58 25.39 -14.36
N LEU G 49 8.51 26.14 -14.13
CA LEU G 49 7.50 26.30 -15.16
C LEU G 49 8.11 26.99 -16.38
N LYS G 50 8.63 28.20 -16.20
CA LYS G 50 9.27 28.90 -17.30
C LYS G 50 10.42 28.12 -17.90
N GLN G 51 10.86 27.05 -17.27
CA GLN G 51 11.83 26.15 -17.86
C GLN G 51 11.19 25.03 -18.69
N VAL G 52 9.96 24.65 -18.35
CA VAL G 52 9.28 23.57 -19.07
C VAL G 52 8.41 24.13 -20.20
N HIS G 53 7.48 25.02 -19.86
CA HIS G 53 6.60 25.67 -20.82
C HIS G 53 6.89 27.17 -20.77
N PRO G 54 7.84 27.65 -21.56
CA PRO G 54 8.29 29.04 -21.41
C PRO G 54 7.24 30.08 -21.78
N ASP G 55 6.10 29.69 -22.31
CA ASP G 55 5.04 30.62 -22.68
C ASP G 55 3.73 30.20 -22.03
N THR G 56 3.78 29.89 -20.74
CA THR G 56 2.61 29.45 -19.99
C THR G 56 2.71 29.99 -18.57
N GLY G 57 1.63 30.59 -18.08
CA GLY G 57 1.56 31.06 -16.72
C GLY G 57 0.87 30.07 -15.80
N ILE G 58 0.72 30.48 -14.55
CA ILE G 58 0.09 29.63 -13.55
C ILE G 58 -0.67 30.50 -12.58
N SER G 59 -1.93 30.18 -12.35
CA SER G 59 -2.78 30.99 -11.50
C SER G 59 -2.30 30.91 -10.06
N SER G 60 -2.93 31.72 -9.21
CA SER G 60 -2.50 31.76 -7.82
C SER G 60 -2.99 30.55 -7.04
N LYS G 61 -4.17 30.04 -7.38
CA LYS G 61 -4.64 28.84 -6.70
C LYS G 61 -3.82 27.61 -7.10
N ALA G 62 -3.49 27.49 -8.39
CA ALA G 62 -2.60 26.42 -8.80
C ALA G 62 -1.21 26.60 -8.23
N MET G 63 -0.79 27.85 -8.01
CA MET G 63 0.46 28.09 -7.33
C MET G 63 0.41 27.57 -5.91
N GLY G 64 -0.67 27.85 -5.19
CA GLY G 64 -0.82 27.31 -3.85
C GLY G 64 -0.86 25.80 -3.83
N ILE G 65 -1.45 25.19 -4.85
CA ILE G 65 -1.54 23.74 -4.89
C ILE G 65 -0.18 23.13 -5.14
N MET G 66 0.60 23.71 -6.06
CA MET G 66 1.95 23.19 -6.27
C MET G 66 2.82 23.40 -5.04
N ASN G 67 2.60 24.52 -4.34
CA ASN G 67 3.28 24.74 -3.07
C ASN G 67 2.98 23.63 -2.09
N SER G 68 1.70 23.29 -1.92
CA SER G 68 1.32 22.23 -1.00
C SER G 68 1.87 20.89 -1.43
N PHE G 69 1.93 20.64 -2.74
CA PHE G 69 2.46 19.38 -3.22
C PHE G 69 3.93 19.25 -2.89
N VAL G 70 4.69 20.33 -3.07
CA VAL G 70 6.11 20.29 -2.74
C VAL G 70 6.31 20.09 -1.25
N ASN G 71 5.54 20.80 -0.43
CA ASN G 71 5.63 20.63 1.02
C ASN G 71 5.33 19.19 1.42
N ASP G 72 4.31 18.59 0.80
CA ASP G 72 3.89 17.25 1.19
C ASP G 72 4.91 16.20 0.78
N ILE G 73 5.43 16.30 -0.44
CA ILE G 73 6.43 15.32 -0.85
C ILE G 73 7.71 15.49 -0.05
N PHE G 74 8.07 16.72 0.29
CA PHE G 74 9.22 16.92 1.15
C PHE G 74 9.02 16.26 2.51
N GLU G 75 7.85 16.48 3.11
CA GLU G 75 7.56 15.87 4.40
C GLU G 75 7.61 14.36 4.32
N ARG G 76 7.08 13.78 3.25
CA ARG G 76 7.11 12.32 3.09
C ARG G 76 8.53 11.81 3.01
N ILE G 77 9.31 12.36 2.09
CA ILE G 77 10.67 11.87 1.89
C ILE G 77 11.51 12.05 3.14
N ALA G 78 11.33 13.18 3.83
CA ALA G 78 12.11 13.41 5.03
C ALA G 78 11.71 12.47 6.15
N GLY G 79 10.41 12.23 6.33
CA GLY G 79 9.99 11.28 7.35
C GLY G 79 10.46 9.88 7.07
N GLU G 80 10.48 9.48 5.80
CA GLU G 80 10.94 8.13 5.48
C GLU G 80 12.44 8.00 5.66
N ALA G 81 13.19 9.05 5.30
CA ALA G 81 14.63 9.02 5.54
C ALA G 81 14.92 8.98 7.03
N SER G 82 14.14 9.70 7.83
CA SER G 82 14.29 9.63 9.28
C SER G 82 14.04 8.24 9.80
N ARG G 83 12.97 7.59 9.31
CA ARG G 83 12.69 6.22 9.73
C ARG G 83 13.83 5.29 9.37
N LEU G 84 14.41 5.45 8.18
CA LEU G 84 15.52 4.58 7.79
C LEU G 84 16.73 4.80 8.69
N ALA G 85 17.08 6.06 8.94
CA ALA G 85 18.21 6.34 9.82
C ALA G 85 17.98 5.76 11.21
N HIS G 86 16.74 5.82 11.71
CA HIS G 86 16.48 5.23 13.02
C HIS G 86 16.56 3.72 12.98
N TYR G 87 16.08 3.11 11.89
CA TYR G 87 16.14 1.65 11.78
C TYR G 87 17.56 1.16 11.83
N ASN G 88 18.45 1.80 11.07
CA ASN G 88 19.83 1.34 10.98
C ASN G 88 20.74 1.98 12.02
N LYS G 89 20.17 2.50 13.11
CA LYS G 89 20.92 3.08 14.22
C LYS G 89 21.88 4.17 13.78
N ARG G 90 21.67 4.77 12.62
CA ARG G 90 22.52 5.88 12.20
C ARG G 90 22.05 7.17 12.85
N SER G 91 22.82 8.22 12.62
CA SER G 91 22.50 9.54 13.13
C SER G 91 22.33 10.58 12.04
N THR G 92 22.99 10.42 10.91
CA THR G 92 22.93 11.38 9.82
C THR G 92 21.93 10.91 8.77
N ILE G 93 21.11 11.84 8.28
CA ILE G 93 20.43 11.65 7.02
C ILE G 93 21.40 12.00 5.90
N THR G 94 21.62 11.07 4.99
CA THR G 94 22.56 11.29 3.91
C THR G 94 21.87 11.08 2.57
N SER G 95 22.66 11.16 1.50
CA SER G 95 22.10 10.89 0.19
C SER G 95 21.69 9.43 0.07
N ARG G 96 22.35 8.54 0.80
CA ARG G 96 21.92 7.14 0.81
C ARG G 96 20.51 7.01 1.37
N GLU G 97 20.26 7.65 2.52
CA GLU G 97 18.93 7.60 3.12
C GLU G 97 17.90 8.27 2.23
N ILE G 98 18.25 9.41 1.63
CA ILE G 98 17.28 10.10 0.79
C ILE G 98 16.96 9.28 -0.45
N GLN G 99 17.97 8.61 -1.00
CA GLN G 99 17.73 7.79 -2.18
C GLN G 99 16.84 6.61 -1.83
N THR G 100 17.07 5.97 -0.69
CA THR G 100 16.21 4.86 -0.31
C THR G 100 14.79 5.34 -0.04
N ALA G 101 14.63 6.51 0.57
CA ALA G 101 13.29 7.03 0.81
C ALA G 101 12.57 7.34 -0.50
N VAL G 102 13.30 7.87 -1.48
CA VAL G 102 12.71 8.11 -2.79
C VAL G 102 12.29 6.80 -3.42
N ARG G 103 13.13 5.77 -3.32
CA ARG G 103 12.80 4.48 -3.91
C ARG G 103 11.62 3.83 -3.22
N LEU G 104 11.41 4.14 -1.93
CA LEU G 104 10.25 3.58 -1.24
C LEU G 104 8.98 4.32 -1.59
N LEU G 105 9.04 5.65 -1.69
CA LEU G 105 7.82 6.42 -1.85
C LEU G 105 7.38 6.56 -3.30
N LEU G 106 8.30 6.70 -4.24
CA LEU G 106 7.73 6.96 -5.55
C LEU G 106 7.54 5.65 -6.31
N PRO G 107 6.44 5.50 -7.05
CA PRO G 107 6.25 4.28 -7.86
C PRO G 107 7.29 4.20 -8.98
N GLY G 108 7.31 3.06 -9.65
CA GLY G 108 8.43 2.62 -10.44
C GLY G 108 9.19 3.62 -11.29
N GLU G 109 8.57 4.16 -12.33
CA GLU G 109 9.33 4.99 -13.26
C GLU G 109 9.65 6.34 -12.64
N LEU G 110 8.72 6.88 -11.86
CA LEU G 110 9.01 8.11 -11.12
C LEU G 110 10.23 7.93 -10.23
N ALA G 111 10.33 6.79 -9.56
CA ALA G 111 11.45 6.54 -8.67
C ALA G 111 12.74 6.41 -9.46
N LYS G 112 12.72 5.67 -10.56
CA LYS G 112 13.92 5.53 -11.37
C LYS G 112 14.42 6.88 -11.85
N HIS G 113 13.52 7.71 -12.39
CA HIS G 113 13.95 8.98 -12.95
C HIS G 113 14.35 9.96 -11.85
N ALA G 114 13.65 9.94 -10.71
CA ALA G 114 14.02 10.84 -9.63
C ALA G 114 15.37 10.46 -9.05
N VAL G 115 15.65 9.18 -8.93
CA VAL G 115 16.97 8.75 -8.46
C VAL G 115 18.04 9.16 -9.46
N SER G 116 17.74 9.05 -10.75
CA SER G 116 18.68 9.53 -11.75
C SER G 116 18.97 11.01 -11.55
N GLU G 117 17.92 11.83 -11.45
CA GLU G 117 18.09 13.27 -11.28
C GLU G 117 18.91 13.59 -10.04
N GLY G 118 18.59 12.95 -8.92
CA GLY G 118 19.28 13.25 -7.68
C GLY G 118 20.74 12.83 -7.70
N THR G 119 21.02 11.66 -8.26
CA THR G 119 22.40 11.22 -8.37
C THR G 119 23.20 12.16 -9.25
N LYS G 120 22.63 12.55 -10.39
CA LYS G 120 23.31 13.50 -11.26
C LYS G 120 23.59 14.81 -10.54
N ALA G 121 22.60 15.31 -9.80
CA ALA G 121 22.79 16.57 -9.09
C ALA G 121 23.86 16.46 -8.02
N VAL G 122 23.90 15.33 -7.30
CA VAL G 122 24.89 15.19 -6.24
C VAL G 122 26.29 15.07 -6.82
N THR G 123 26.45 14.32 -7.90
CA THR G 123 27.77 14.24 -8.52
C THR G 123 28.22 15.60 -9.02
N LYS G 124 27.33 16.34 -9.68
CA LYS G 124 27.69 17.68 -10.14
C LYS G 124 28.06 18.58 -8.95
N TYR G 125 27.32 18.46 -7.85
CA TYR G 125 27.55 19.33 -6.71
C TYR G 125 28.89 19.04 -6.05
N THR G 126 29.24 17.77 -5.88
CA THR G 126 30.53 17.45 -5.29
C THR G 126 31.68 17.68 -6.25
N SER G 127 31.44 17.64 -7.56
CA SER G 127 32.49 18.02 -8.50
C SER G 127 32.77 19.51 -8.42
N ALA G 128 31.72 20.32 -8.44
CA ALA G 128 31.89 21.77 -8.32
C ALA G 128 32.04 22.19 -6.87
N VAL J 187 11.70 23.40 -23.54
CA VAL J 187 12.92 22.62 -23.77
C VAL J 187 13.04 21.45 -22.79
N ARG J 188 12.83 21.73 -21.50
CA ARG J 188 12.88 20.68 -20.48
C ARG J 188 11.68 19.77 -20.64
N ARG J 189 11.89 18.59 -21.20
CA ARG J 189 10.80 17.65 -21.46
C ARG J 189 11.13 16.31 -20.82
N SER J 190 10.13 15.73 -20.15
CA SER J 190 10.33 14.48 -19.43
C SER J 190 10.27 13.30 -20.39
N SER J 191 11.20 12.36 -20.20
CA SER J 191 11.24 11.11 -20.96
C SER J 191 10.96 10.00 -19.95
N ARG J 192 9.67 9.69 -19.75
CA ARG J 192 9.30 8.77 -18.68
C ARG J 192 8.76 7.45 -19.16
N LYS J 193 8.05 7.39 -20.29
CA LYS J 193 7.66 6.13 -20.90
C LYS J 193 6.85 5.27 -19.93
N SER J 194 5.62 5.74 -19.68
CA SER J 194 4.70 5.09 -18.74
C SER J 194 4.68 3.57 -18.91
N LYS J 195 4.39 2.85 -17.81
CA LYS J 195 4.59 1.41 -17.75
C LYS J 195 3.97 0.67 -18.93
N ALA J 196 2.84 1.16 -19.43
CA ALA J 196 2.27 0.56 -20.64
C ALA J 196 3.26 0.62 -21.79
N GLU J 197 3.92 1.76 -21.97
CA GLU J 197 4.91 1.90 -23.03
C GLU J 197 6.07 0.94 -22.84
N LEU J 198 6.60 0.84 -21.61
CA LEU J 198 7.72 -0.05 -21.36
C LEU J 198 7.35 -1.50 -21.63
N GLN J 199 6.20 -1.95 -21.14
CA GLN J 199 5.79 -3.33 -21.36
C GLN J 199 5.56 -3.60 -22.84
N SER J 200 4.87 -2.70 -23.54
CA SER J 200 4.65 -2.86 -24.96
C SER J 200 5.96 -2.92 -25.72
N GLU J 201 6.92 -2.07 -25.34
CA GLU J 201 8.19 -2.03 -26.06
C GLU J 201 9.00 -3.30 -25.82
N GLU J 202 9.01 -3.79 -24.58
CA GLU J 202 9.63 -5.09 -24.33
C GLU J 202 8.98 -6.18 -25.16
N ARG J 203 7.64 -6.14 -25.28
CA ARG J 203 6.93 -7.14 -26.08
C ARG J 203 7.37 -7.08 -27.54
N LYS J 204 7.36 -5.89 -28.14
CA LYS J 204 7.74 -5.76 -29.54
C LYS J 204 9.19 -6.17 -29.77
N ARG J 205 10.08 -5.78 -28.85
CA ARG J 205 11.46 -6.22 -28.94
C ARG J 205 11.54 -7.74 -28.95
N ILE J 206 10.78 -8.39 -28.08
CA ILE J 206 10.75 -9.85 -28.05
C ILE J 206 10.31 -10.40 -29.40
N ASP J 207 9.23 -9.84 -29.96
CA ASP J 207 8.70 -10.37 -31.21
C ASP J 207 9.73 -10.22 -32.33
N GLU J 208 10.28 -9.02 -32.51
CA GLU J 208 11.21 -8.79 -33.62
C GLU J 208 12.51 -9.55 -33.42
N LEU J 209 12.95 -9.75 -32.17
CA LEU J 209 14.15 -10.54 -31.94
C LEU J 209 13.91 -12.01 -32.23
N ILE J 210 12.77 -12.55 -31.81
CA ILE J 210 12.44 -13.95 -32.11
C ILE J 210 12.37 -14.15 -33.61
N GLU J 211 11.72 -13.23 -34.32
CA GLU J 211 11.63 -13.34 -35.78
C GLU J 211 12.81 -12.69 -36.49
N SER J 212 13.89 -12.40 -35.78
CA SER J 212 15.10 -11.88 -36.40
C SER J 212 16.17 -12.92 -36.63
N GLY J 213 16.09 -14.06 -35.94
CA GLY J 213 17.07 -15.14 -36.12
C GLY J 213 18.50 -14.74 -35.92
N LYS J 214 18.76 -13.65 -35.17
CA LYS J 214 20.13 -13.19 -35.01
C LYS J 214 20.99 -14.24 -34.33
N GLU J 215 20.52 -14.76 -33.20
CA GLU J 215 21.21 -15.83 -32.47
C GLU J 215 22.67 -15.46 -32.20
N GLU J 216 22.85 -14.38 -31.44
CA GLU J 216 24.15 -13.74 -31.27
C GLU J 216 25.07 -14.60 -30.42
N GLY J 217 26.11 -15.16 -31.03
CA GLY J 217 27.20 -15.78 -30.32
C GLY J 217 26.87 -17.04 -29.54
N MET J 218 26.55 -18.12 -30.25
CA MET J 218 26.35 -19.42 -29.63
C MET J 218 26.90 -20.50 -30.56
N LYS J 219 27.93 -21.20 -30.10
CA LYS J 219 28.64 -22.19 -30.91
C LYS J 219 28.41 -23.59 -30.33
N ILE J 220 28.25 -24.56 -31.22
CA ILE J 220 28.09 -25.95 -30.81
C ILE J 220 29.46 -26.56 -30.56
N ASP J 221 29.63 -27.18 -29.39
CA ASP J 221 30.88 -27.83 -29.05
C ASP J 221 30.55 -29.13 -28.32
N LEU J 222 31.56 -29.71 -27.66
CA LEU J 222 31.44 -31.01 -27.02
C LEU J 222 31.57 -30.88 -25.51
N ILE J 223 30.83 -31.71 -24.80
CA ILE J 223 30.88 -31.78 -23.33
C ILE J 223 31.38 -33.17 -22.94
N ASP J 224 32.09 -33.22 -21.80
CA ASP J 224 32.77 -34.43 -21.36
C ASP J 224 31.77 -35.39 -20.70
N GLY J 225 30.92 -35.98 -21.52
CA GLY J 225 30.00 -37.01 -21.07
C GLY J 225 28.56 -36.81 -21.53
N LYS J 226 28.18 -35.57 -21.79
CA LYS J 226 26.80 -35.26 -22.16
C LYS J 226 26.58 -35.33 -23.67
N GLY J 227 27.59 -34.98 -24.46
CA GLY J 227 27.44 -34.94 -25.90
C GLY J 227 27.76 -33.57 -26.47
N ARG J 228 26.75 -32.91 -27.03
CA ARG J 228 26.95 -31.59 -27.59
C ARG J 228 26.82 -30.52 -26.51
N GLY J 229 27.17 -29.28 -26.87
CA GLY J 229 27.07 -28.15 -25.98
C GLY J 229 27.04 -26.83 -26.74
N VAL J 230 26.22 -25.89 -26.27
CA VAL J 230 26.10 -24.59 -26.93
C VAL J 230 26.62 -23.50 -25.98
N ILE J 231 27.87 -23.11 -26.16
CA ILE J 231 28.48 -22.08 -25.33
C ILE J 231 28.02 -20.72 -25.84
N ALA J 232 27.37 -19.95 -24.97
CA ALA J 232 27.00 -18.58 -25.29
C ALA J 232 28.19 -17.66 -25.02
N THR J 233 28.44 -16.75 -25.96
CA THR J 233 29.60 -15.87 -25.92
C THR J 233 29.20 -14.40 -25.72
N LYS J 234 28.23 -14.16 -24.84
CA LYS J 234 27.82 -12.82 -24.50
C LYS J 234 27.62 -12.74 -22.99
N GLN J 235 27.79 -11.55 -22.44
CA GLN J 235 27.68 -11.32 -21.00
C GLN J 235 26.21 -11.08 -20.67
N PHE J 236 25.49 -12.16 -20.38
CA PHE J 236 24.07 -12.08 -20.08
C PHE J 236 23.83 -11.46 -18.70
N SER J 237 22.58 -11.12 -18.43
CA SER J 237 22.17 -10.60 -17.14
C SER J 237 20.71 -11.00 -16.91
N ARG J 238 20.16 -10.50 -15.80
CA ARG J 238 18.82 -10.91 -15.38
C ARG J 238 17.77 -10.55 -16.43
N GLY J 239 17.05 -11.55 -16.91
CA GLY J 239 15.87 -11.35 -17.72
C GLY J 239 16.12 -11.20 -19.21
N ASP J 240 17.36 -10.98 -19.63
CA ASP J 240 17.63 -10.83 -21.05
C ASP J 240 17.32 -12.13 -21.80
N PHE J 241 17.04 -12.00 -23.09
CA PHE J 241 16.75 -13.16 -23.91
C PHE J 241 18.00 -14.02 -24.10
N VAL J 242 17.77 -15.31 -24.39
CA VAL J 242 18.87 -16.19 -24.75
C VAL J 242 18.60 -16.84 -26.10
N VAL J 243 17.56 -17.68 -26.17
CA VAL J 243 17.21 -18.43 -27.37
C VAL J 243 15.70 -18.66 -27.41
N GLU J 244 15.21 -19.14 -28.54
CA GLU J 244 13.83 -19.55 -28.70
C GLU J 244 13.80 -21.03 -29.05
N TYR J 245 13.04 -21.81 -28.28
CA TYR J 245 12.99 -23.26 -28.45
C TYR J 245 12.03 -23.58 -29.60
N HIS J 246 12.48 -23.21 -30.81
CA HIS J 246 11.62 -23.29 -31.99
C HIS J 246 11.20 -24.73 -32.28
N GLY J 247 9.91 -24.92 -32.46
CA GLY J 247 9.38 -26.22 -32.82
C GLY J 247 7.95 -26.12 -33.27
N ASP J 248 7.32 -27.29 -33.39
CA ASP J 248 5.93 -27.38 -33.82
C ASP J 248 5.02 -27.48 -32.60
N LEU J 249 3.95 -26.69 -32.61
CA LEU J 249 2.98 -26.68 -31.53
C LEU J 249 1.76 -27.51 -31.90
N ILE J 250 1.29 -28.31 -30.95
CA ILE J 250 0.13 -29.18 -31.13
C ILE J 250 -0.70 -29.16 -29.86
N GLU J 251 -1.79 -29.93 -29.88
CA GLU J 251 -2.69 -30.08 -28.74
C GLU J 251 -2.13 -31.12 -27.78
N ILE J 252 -2.96 -31.58 -26.84
CA ILE J 252 -2.52 -32.59 -25.88
C ILE J 252 -2.87 -34.01 -26.32
N THR J 253 -4.01 -34.21 -26.98
CA THR J 253 -4.43 -35.54 -27.38
C THR J 253 -3.38 -36.23 -28.25
N ASP J 254 -2.63 -35.46 -29.03
CA ASP J 254 -1.50 -35.98 -29.78
C ASP J 254 -0.18 -35.76 -29.07
N ALA J 255 -0.15 -34.89 -28.06
CA ALA J 255 1.09 -34.67 -27.31
C ALA J 255 1.44 -35.86 -26.46
N LYS J 256 0.45 -36.41 -25.74
CA LYS J 256 0.69 -37.58 -24.90
C LYS J 256 1.07 -38.81 -25.72
N LYS J 257 1.09 -38.70 -27.05
CA LYS J 257 1.37 -39.83 -27.93
C LYS J 257 2.66 -39.64 -28.73
N ARG J 258 2.82 -38.47 -29.35
CA ARG J 258 3.93 -38.26 -30.30
C ARG J 258 5.28 -38.39 -29.63
N GLU J 259 5.41 -38.01 -28.36
CA GLU J 259 6.68 -38.17 -27.67
C GLU J 259 7.10 -39.62 -27.62
N ALA J 260 6.18 -40.50 -27.19
CA ALA J 260 6.50 -41.93 -27.16
C ALA J 260 6.69 -42.48 -28.56
N LEU J 261 5.92 -41.99 -29.53
CA LEU J 261 6.02 -42.51 -30.89
C LEU J 261 7.36 -42.15 -31.52
N TYR J 262 7.94 -41.01 -31.16
CA TYR J 262 9.30 -40.71 -31.57
C TYR J 262 10.33 -41.43 -30.72
N ALA J 263 9.99 -41.72 -29.46
CA ALA J 263 10.88 -42.48 -28.58
C ALA J 263 11.01 -43.93 -29.01
N GLN J 264 10.05 -44.44 -29.80
CA GLN J 264 10.21 -45.78 -30.37
C GLN J 264 11.49 -45.91 -31.18
N ASP J 265 12.06 -44.79 -31.62
CA ASP J 265 13.39 -44.73 -32.21
C ASP J 265 14.41 -44.47 -31.11
N PRO J 266 15.20 -45.46 -30.70
CA PRO J 266 16.15 -45.27 -29.60
C PRO J 266 17.30 -44.32 -29.91
N SER J 267 17.31 -43.68 -31.08
CA SER J 267 18.33 -42.71 -31.45
C SER J 267 17.71 -41.34 -31.70
N THR J 268 16.79 -40.93 -30.82
CA THR J 268 16.06 -39.68 -31.00
C THR J 268 16.53 -38.54 -30.11
N GLY J 269 17.28 -38.84 -29.04
CA GLY J 269 17.70 -37.77 -28.14
C GLY J 269 16.55 -37.26 -27.31
N CYS J 270 16.50 -35.95 -27.11
CA CYS J 270 15.42 -35.32 -26.35
C CYS J 270 15.14 -33.96 -26.98
N TYR J 271 13.95 -33.80 -27.57
CA TYR J 271 13.61 -32.55 -28.24
C TYR J 271 12.20 -32.03 -28.02
N MET J 272 11.25 -32.81 -27.50
CA MET J 272 9.87 -32.35 -27.38
C MET J 272 9.61 -31.74 -26.01
N TYR J 273 8.85 -30.65 -25.99
CA TYR J 273 8.58 -29.88 -24.77
C TYR J 273 7.07 -29.73 -24.60
N TYR J 274 6.55 -30.21 -23.47
CA TYR J 274 5.16 -29.99 -23.10
C TYR J 274 5.03 -28.76 -22.23
N PHE J 275 3.86 -28.13 -22.24
CA PHE J 275 3.57 -27.10 -21.25
C PHE J 275 2.07 -26.93 -21.11
N GLN J 276 1.64 -26.74 -19.86
CA GLN J 276 0.24 -26.56 -19.52
C GLN J 276 -0.09 -25.07 -19.46
N TYR J 277 -1.11 -24.66 -20.21
CA TYR J 277 -1.40 -23.24 -20.38
C TYR J 277 -2.85 -23.10 -20.81
N LEU J 278 -3.65 -22.46 -19.96
CA LEU J 278 -5.07 -22.19 -20.25
C LEU J 278 -5.82 -23.48 -20.60
N SER J 279 -5.89 -24.37 -19.62
CA SER J 279 -6.67 -25.61 -19.66
C SER J 279 -6.21 -26.58 -20.74
N LYS J 280 -5.04 -26.34 -21.34
CA LYS J 280 -4.54 -27.19 -22.41
C LYS J 280 -3.04 -27.38 -22.25
N THR J 281 -2.58 -28.61 -22.47
CA THR J 281 -1.16 -28.93 -22.53
C THR J 281 -0.77 -29.13 -23.99
N TYR J 282 0.48 -28.82 -24.31
CA TYR J 282 0.93 -28.84 -25.70
C TYR J 282 2.18 -29.68 -25.85
N CYS J 283 2.80 -29.63 -27.03
CA CYS J 283 4.05 -30.34 -27.28
C CYS J 283 4.82 -29.60 -28.36
N VAL J 284 6.11 -29.39 -28.12
CA VAL J 284 6.99 -28.68 -29.06
C VAL J 284 7.76 -29.74 -29.84
N ASP J 285 7.21 -30.14 -30.98
CA ASP J 285 7.86 -31.12 -31.85
C ASP J 285 9.13 -30.49 -32.41
N ALA J 286 10.29 -30.95 -31.92
CA ALA J 286 11.57 -30.37 -32.32
C ALA J 286 12.59 -31.45 -32.63
N THR J 287 12.15 -32.64 -33.01
CA THR J 287 13.08 -33.69 -33.40
C THR J 287 13.61 -33.45 -34.81
N ARG J 288 12.72 -33.08 -35.73
CA ARG J 288 13.14 -32.72 -37.09
C ARG J 288 14.03 -31.47 -37.02
N GLU J 289 15.26 -31.60 -37.50
CA GLU J 289 16.28 -30.59 -37.23
C GLU J 289 15.95 -29.25 -37.88
N THR J 290 16.25 -28.17 -37.17
CA THR J 290 15.97 -26.81 -37.59
C THR J 290 17.26 -25.98 -37.63
N ASN J 291 17.14 -24.79 -38.19
CA ASN J 291 18.24 -23.82 -38.23
C ASN J 291 18.36 -23.02 -36.92
N ARG J 292 17.63 -23.41 -35.89
CA ARG J 292 17.59 -22.66 -34.63
C ARG J 292 18.46 -23.36 -33.58
N LEU J 293 18.58 -22.71 -32.41
CA LEU J 293 19.47 -23.17 -31.36
C LEU J 293 18.72 -23.63 -30.11
N GLY J 294 17.42 -23.84 -30.19
CA GLY J 294 16.65 -24.23 -29.02
C GLY J 294 16.82 -25.70 -28.65
N ARG J 295 16.50 -26.59 -29.58
CA ARG J 295 16.50 -28.03 -29.36
C ARG J 295 17.86 -28.59 -29.02
N LEU J 296 18.92 -27.80 -29.09
CA LEU J 296 20.29 -28.29 -29.02
C LEU J 296 20.85 -28.29 -27.59
N ILE J 297 20.00 -28.27 -26.57
CA ILE J 297 20.45 -28.10 -25.21
C ILE J 297 20.01 -29.30 -24.37
N ASN J 298 20.80 -29.59 -23.34
CA ASN J 298 20.59 -30.70 -22.43
C ASN J 298 19.87 -30.24 -21.15
N HIS J 299 19.54 -31.22 -20.32
CA HIS J 299 18.82 -31.00 -19.07
C HIS J 299 19.76 -30.89 -17.89
N SER J 300 19.33 -30.13 -16.89
CA SER J 300 19.92 -30.15 -15.55
C SER J 300 19.05 -29.28 -14.65
N LYS J 301 19.36 -29.32 -13.35
CA LYS J 301 18.85 -28.36 -12.39
C LYS J 301 19.95 -27.46 -11.83
N CYS J 302 21.12 -27.47 -12.47
CA CYS J 302 22.28 -26.70 -12.02
C CYS J 302 22.90 -25.97 -13.21
N GLY J 303 22.06 -25.49 -14.13
CA GLY J 303 22.55 -24.76 -15.27
C GLY J 303 22.47 -23.26 -15.08
N ASN J 304 21.92 -22.55 -16.06
CA ASN J 304 21.83 -21.10 -15.98
C ASN J 304 20.51 -20.53 -16.47
N CYS J 305 19.56 -21.36 -16.92
CA CYS J 305 18.35 -20.88 -17.56
C CYS J 305 17.12 -21.53 -16.96
N GLN J 306 16.05 -20.74 -16.84
CA GLN J 306 14.72 -21.23 -16.53
C GLN J 306 13.76 -20.63 -17.53
N THR J 307 13.00 -21.48 -18.22
CA THR J 307 12.29 -21.06 -19.42
C THR J 307 10.90 -20.53 -19.10
N LYS J 308 10.49 -19.52 -19.86
CA LYS J 308 9.17 -18.91 -19.81
C LYS J 308 8.47 -19.14 -21.15
N LEU J 309 7.34 -18.46 -21.35
CA LEU J 309 6.54 -18.61 -22.55
C LEU J 309 6.18 -17.24 -23.10
N HIS J 310 6.14 -17.12 -24.42
CA HIS J 310 5.66 -15.92 -25.08
C HIS J 310 4.76 -16.32 -26.24
N ASP J 311 3.63 -15.62 -26.38
CA ASP J 311 2.65 -15.91 -27.42
C ASP J 311 2.64 -14.75 -28.42
N ILE J 312 3.37 -14.92 -29.52
CA ILE J 312 3.34 -13.95 -30.60
C ILE J 312 2.11 -14.24 -31.45
N ASP J 313 0.99 -13.58 -31.11
CA ASP J 313 -0.29 -13.77 -31.78
C ASP J 313 -0.74 -15.24 -31.68
N GLY J 314 -1.00 -15.66 -30.45
CA GLY J 314 -1.57 -16.97 -30.21
C GLY J 314 -0.55 -18.07 -30.04
N VAL J 315 0.29 -18.26 -31.05
CA VAL J 315 1.27 -19.35 -31.05
C VAL J 315 2.25 -19.18 -29.88
N PRO J 316 2.25 -20.09 -28.93
CA PRO J 316 3.12 -19.96 -27.76
C PRO J 316 4.55 -20.39 -28.08
N HIS J 317 5.44 -19.41 -28.24
CA HIS J 317 6.83 -19.68 -28.53
C HIS J 317 7.59 -19.89 -27.22
N LEU J 318 8.29 -21.01 -27.13
CA LEU J 318 9.04 -21.34 -25.92
C LEU J 318 10.29 -20.47 -25.85
N ILE J 319 10.19 -19.36 -25.13
CA ILE J 319 11.32 -18.46 -24.99
C ILE J 319 12.26 -18.98 -23.91
N LEU J 320 13.52 -18.56 -24.00
CA LEU J 320 14.52 -18.84 -22.98
C LEU J 320 15.22 -17.56 -22.63
N ILE J 321 15.19 -17.20 -21.35
CA ILE J 321 15.75 -15.93 -20.88
C ILE J 321 16.88 -16.22 -19.90
N ALA J 322 17.76 -15.24 -19.77
CA ALA J 322 18.84 -15.31 -18.78
C ALA J 322 18.29 -14.82 -17.45
N SER J 323 17.92 -15.77 -16.60
CA SER J 323 17.39 -15.44 -15.28
C SER J 323 18.48 -15.13 -14.26
N ARG J 324 19.73 -15.00 -14.71
CA ARG J 324 20.85 -14.75 -13.80
C ARG J 324 22.02 -14.21 -14.61
N ASP J 325 23.13 -13.97 -13.94
CA ASP J 325 24.34 -13.46 -14.58
C ASP J 325 25.13 -14.63 -15.16
N ILE J 326 25.32 -14.61 -16.48
CA ILE J 326 26.04 -15.65 -17.19
C ILE J 326 27.25 -15.03 -17.87
N ALA J 327 28.37 -15.74 -17.83
CA ALA J 327 29.61 -15.25 -18.42
C ALA J 327 29.74 -15.71 -19.86
N ALA J 328 30.50 -14.94 -20.63
CA ALA J 328 30.74 -15.27 -22.03
C ALA J 328 31.68 -16.46 -22.12
N GLY J 329 31.13 -17.67 -22.17
CA GLY J 329 31.92 -18.86 -22.04
C GLY J 329 31.28 -19.89 -21.12
N GLU J 330 30.03 -19.67 -20.76
CA GLU J 330 29.23 -20.67 -20.06
C GLU J 330 28.20 -21.25 -21.01
N GLU J 331 27.74 -22.46 -20.69
CA GLU J 331 26.86 -23.21 -21.56
C GLU J 331 25.40 -23.00 -21.20
N LEU J 332 24.55 -22.94 -22.22
CA LEU J 332 23.11 -23.02 -21.99
C LEU J 332 22.76 -24.36 -21.36
N LEU J 333 22.09 -24.30 -20.21
CA LEU J 333 21.69 -25.51 -19.52
C LEU J 333 20.50 -25.18 -18.64
N TYR J 334 19.36 -25.82 -18.91
CA TYR J 334 18.13 -25.49 -18.18
C TYR J 334 17.43 -26.75 -17.70
N ASP J 335 16.22 -26.57 -17.15
CA ASP J 335 15.45 -27.65 -16.57
C ASP J 335 14.30 -28.03 -17.48
N TYR J 336 14.13 -29.34 -17.68
CA TYR J 336 13.04 -29.89 -18.46
C TYR J 336 11.76 -30.06 -17.64
N GLY J 337 11.83 -29.84 -16.33
CA GLY J 337 10.69 -30.03 -15.45
C GLY J 337 10.21 -31.45 -15.30
N ASP J 338 10.79 -32.40 -16.04
CA ASP J 338 10.26 -33.75 -16.08
C ASP J 338 10.74 -34.56 -14.89
N ARG J 339 9.79 -35.11 -14.13
CA ARG J 339 10.06 -35.97 -13.00
C ARG J 339 9.59 -37.39 -13.27
N SER J 340 9.77 -37.86 -14.50
CA SER J 340 9.40 -39.22 -14.87
C SER J 340 10.30 -40.20 -14.14
N LYS J 341 9.76 -40.85 -13.11
CA LYS J 341 10.59 -41.71 -12.25
C LYS J 341 11.22 -42.85 -13.03
N ALA J 342 10.56 -43.32 -14.09
CA ALA J 342 11.19 -44.31 -14.96
C ALA J 342 12.42 -43.74 -15.65
N SER J 343 12.28 -42.55 -16.24
CA SER J 343 13.41 -41.96 -16.95
C SER J 343 14.52 -41.53 -16.00
N ILE J 344 14.16 -41.02 -14.82
CA ILE J 344 15.18 -40.67 -13.83
C ILE J 344 15.83 -41.93 -13.25
N GLU J 345 15.11 -43.05 -13.23
CA GLU J 345 15.75 -44.32 -12.91
C GLU J 345 16.78 -44.69 -13.98
N ALA J 346 16.39 -44.61 -15.25
CA ALA J 346 17.32 -44.89 -16.33
C ALA J 346 18.36 -43.79 -16.49
N HIS J 347 17.99 -42.53 -16.20
CA HIS J 347 18.90 -41.40 -16.26
C HIS J 347 19.06 -40.83 -14.85
N PRO J 348 19.98 -41.39 -14.05
CA PRO J 348 20.28 -40.76 -12.75
C PRO J 348 20.85 -39.37 -12.88
N TRP J 349 21.30 -38.96 -14.06
CA TRP J 349 21.85 -37.64 -14.31
C TRP J 349 20.79 -36.56 -14.43
N LEU J 350 19.51 -36.93 -14.46
CA LEU J 350 18.45 -35.93 -14.54
C LEU J 350 18.34 -35.08 -13.29
N LYS J 351 18.69 -35.62 -12.12
CA LYS J 351 18.66 -34.86 -10.89
C LYS J 351 19.77 -33.81 -10.80
N HIS J 352 20.75 -33.86 -11.70
CA HIS J 352 21.83 -32.89 -11.72
C HIS J 352 21.79 -32.06 -13.00
N LYS K 20 15.62 -44.53 -22.51
CA LYS K 20 14.36 -44.06 -21.95
C LYS K 20 14.20 -42.56 -22.14
N ARG K 21 13.67 -42.18 -23.31
CA ARG K 21 13.46 -40.76 -23.61
C ARG K 21 12.40 -40.18 -22.68
N HIS K 22 12.61 -38.93 -22.28
CA HIS K 22 11.70 -38.22 -21.39
C HIS K 22 11.23 -36.94 -22.05
N ARG K 23 10.08 -36.46 -21.58
CA ARG K 23 9.50 -35.23 -22.09
C ARG K 23 10.06 -34.03 -21.34
N LYS K 24 9.57 -32.85 -21.71
CA LYS K 24 10.00 -31.59 -21.11
C LYS K 24 8.78 -30.75 -20.75
N VAL K 25 8.74 -30.28 -19.51
CA VAL K 25 7.62 -29.49 -19.00
C VAL K 25 8.17 -28.32 -18.20
N LEU K 26 7.26 -27.56 -17.58
CA LEU K 26 7.60 -26.41 -16.76
C LEU K 26 6.86 -26.49 -15.42
N ARG K 27 7.08 -25.48 -14.58
CA ARG K 27 6.26 -25.22 -13.40
C ARG K 27 6.13 -23.72 -13.26
N ASP K 28 5.53 -23.26 -12.16
CA ASP K 28 5.37 -21.82 -12.01
C ASP K 28 5.82 -21.28 -10.65
N ASN K 29 5.68 -22.08 -9.59
CA ASN K 29 5.88 -21.67 -8.20
C ASN K 29 4.75 -20.76 -7.73
N ILE K 30 3.89 -20.32 -8.64
CA ILE K 30 2.66 -19.64 -8.26
C ILE K 30 1.49 -20.61 -8.24
N GLN K 31 1.58 -21.71 -8.97
CA GLN K 31 0.63 -22.81 -8.82
C GLN K 31 0.87 -23.60 -7.54
N GLY K 32 1.87 -23.22 -6.75
CA GLY K 32 2.01 -23.79 -5.43
C GLY K 32 0.97 -23.28 -4.45
N ILE K 33 0.36 -22.15 -4.75
CA ILE K 33 -0.84 -21.74 -4.04
C ILE K 33 -1.96 -22.53 -4.68
N THR K 34 -2.19 -23.72 -4.17
CA THR K 34 -3.03 -24.69 -4.86
C THR K 34 -4.50 -24.30 -4.75
N LYS K 35 -5.32 -24.97 -5.54
CA LYS K 35 -6.75 -24.74 -5.47
C LYS K 35 -7.32 -25.07 -4.10
N PRO K 36 -7.02 -26.21 -3.48
CA PRO K 36 -7.55 -26.43 -2.13
C PRO K 36 -7.07 -25.44 -1.10
N ALA K 37 -5.87 -24.87 -1.27
CA ALA K 37 -5.40 -23.86 -0.33
C ALA K 37 -6.20 -22.57 -0.48
N ILE K 38 -6.45 -22.14 -1.72
CA ILE K 38 -7.27 -20.97 -1.94
C ILE K 38 -8.68 -21.21 -1.42
N ARG K 39 -9.18 -22.44 -1.52
CA ARG K 39 -10.51 -22.71 -0.99
C ARG K 39 -10.49 -22.71 0.54
N ARG K 40 -9.40 -23.13 1.16
CA ARG K 40 -9.31 -23.01 2.62
C ARG K 40 -9.31 -21.55 3.04
N LEU K 41 -8.56 -20.72 2.33
CA LEU K 41 -8.59 -19.28 2.62
C LEU K 41 -9.98 -18.72 2.46
N ALA K 42 -10.66 -19.09 1.38
CA ALA K 42 -12.00 -18.58 1.15
C ALA K 42 -12.96 -19.05 2.23
N ARG K 43 -12.82 -20.29 2.67
CA ARG K 43 -13.65 -20.79 3.76
C ARG K 43 -13.41 -19.99 5.03
N ARG K 44 -12.15 -19.68 5.33
CA ARG K 44 -11.89 -18.85 6.50
C ARG K 44 -12.52 -17.48 6.33
N GLY K 45 -12.53 -16.96 5.11
CA GLY K 45 -13.19 -15.70 4.86
C GLY K 45 -14.70 -15.75 4.91
N GLY K 46 -15.28 -16.93 4.97
CA GLY K 46 -16.72 -17.07 5.03
C GLY K 46 -17.40 -17.37 3.72
N VAL K 47 -16.65 -17.70 2.67
CA VAL K 47 -17.23 -17.94 1.36
C VAL K 47 -17.85 -19.33 1.34
N LYS K 48 -19.08 -19.41 0.85
CA LYS K 48 -19.80 -20.67 0.83
C LYS K 48 -19.65 -21.42 -0.48
N ARG K 49 -19.52 -20.72 -1.58
CA ARG K 49 -19.44 -21.33 -2.90
C ARG K 49 -18.48 -20.52 -3.75
N ILE K 50 -17.61 -21.20 -4.48
CA ILE K 50 -16.51 -20.56 -5.18
C ILE K 50 -16.62 -20.83 -6.66
N SER K 51 -16.47 -19.78 -7.47
CA SER K 51 -16.43 -19.95 -8.91
C SER K 51 -15.14 -20.67 -9.31
N GLY K 52 -14.95 -20.83 -10.60
CA GLY K 52 -13.82 -21.59 -11.09
C GLY K 52 -12.64 -20.74 -11.50
N LEU K 53 -12.88 -19.47 -11.80
CA LEU K 53 -11.81 -18.57 -12.18
C LEU K 53 -11.26 -17.79 -10.99
N ILE K 54 -11.92 -17.90 -9.84
CA ILE K 54 -11.44 -17.32 -8.60
C ILE K 54 -10.01 -17.72 -8.32
N TYR K 55 -9.60 -18.91 -8.76
CA TYR K 55 -8.28 -19.39 -8.43
C TYR K 55 -7.20 -18.60 -9.16
N GLU K 56 -7.34 -18.44 -10.48
CA GLU K 56 -6.38 -17.63 -11.20
C GLU K 56 -6.46 -16.17 -10.77
N GLU K 57 -7.67 -15.67 -10.50
CA GLU K 57 -7.78 -14.29 -10.06
C GLU K 57 -7.05 -14.07 -8.74
N THR K 58 -7.20 -15.00 -7.80
CA THR K 58 -6.57 -14.88 -6.50
C THR K 58 -5.07 -15.03 -6.60
N ARG K 59 -4.60 -15.91 -7.50
CA ARG K 59 -3.16 -16.01 -7.68
C ARG K 59 -2.59 -14.70 -8.21
N GLY K 60 -3.30 -14.05 -9.13
CA GLY K 60 -2.84 -12.76 -9.60
C GLY K 60 -2.80 -11.72 -8.49
N VAL K 61 -3.88 -11.65 -7.71
CA VAL K 61 -3.93 -10.71 -6.59
C VAL K 61 -2.78 -10.93 -5.63
N LEU K 62 -2.58 -12.19 -5.23
CA LEU K 62 -1.54 -12.51 -4.27
C LEU K 62 -0.16 -12.20 -4.82
N LYS K 63 0.07 -12.46 -6.11
CA LYS K 63 1.37 -12.14 -6.67
C LYS K 63 1.61 -10.64 -6.68
N VAL K 64 0.58 -9.85 -6.93
CA VAL K 64 0.74 -8.39 -6.89
C VAL K 64 1.10 -7.94 -5.48
N PHE K 65 0.33 -8.40 -4.49
CA PHE K 65 0.58 -8.00 -3.11
C PHE K 65 1.98 -8.40 -2.67
N LEU K 66 2.37 -9.65 -2.97
CA LEU K 66 3.69 -10.13 -2.62
C LEU K 66 4.78 -9.33 -3.31
N GLU K 67 4.59 -8.99 -4.60
CA GLU K 67 5.58 -8.20 -5.29
C GLU K 67 5.79 -6.87 -4.59
N ASN K 68 4.71 -6.20 -4.19
CA ASN K 68 4.87 -4.92 -3.52
C ASN K 68 5.61 -5.07 -2.20
N VAL K 69 5.17 -6.00 -1.35
CA VAL K 69 5.76 -6.10 -0.02
C VAL K 69 7.21 -6.54 -0.12
N ILE K 70 7.53 -7.44 -1.06
CA ILE K 70 8.89 -7.92 -1.16
C ILE K 70 9.79 -6.89 -1.80
N ARG K 71 9.28 -6.10 -2.74
CA ARG K 71 10.08 -4.99 -3.26
C ARG K 71 10.47 -4.06 -2.14
N ASP K 72 9.51 -3.69 -1.28
CA ASP K 72 9.85 -2.78 -0.20
C ASP K 72 10.81 -3.41 0.80
N ALA K 73 10.61 -4.69 1.11
CA ALA K 73 11.49 -5.35 2.08
C ALA K 73 12.90 -5.47 1.55
N VAL K 74 13.04 -5.82 0.27
CA VAL K 74 14.37 -5.90 -0.32
C VAL K 74 15.01 -4.53 -0.39
N THR K 75 14.21 -3.46 -0.56
CA THR K 75 14.79 -2.13 -0.54
C THR K 75 15.35 -1.81 0.84
N TYR K 76 14.57 -2.09 1.89
CA TYR K 76 15.08 -1.88 3.25
C TYR K 76 16.36 -2.67 3.47
N THR K 77 16.39 -3.92 3.01
CA THR K 77 17.58 -4.75 3.20
C THR K 77 18.78 -4.14 2.48
N GLU K 78 18.64 -3.90 1.17
CA GLU K 78 19.71 -3.25 0.42
C GLU K 78 20.23 -2.01 1.14
N HIS K 79 19.32 -1.19 1.68
CA HIS K 79 19.80 0.00 2.37
C HIS K 79 20.59 -0.35 3.62
N ALA K 80 20.20 -1.39 4.32
CA ALA K 80 21.04 -1.71 5.45
C ALA K 80 22.28 -2.43 5.08
N LYS K 81 22.57 -2.54 3.79
CA LYS K 81 23.76 -3.23 3.27
C LYS K 81 23.85 -4.66 3.80
N ARG K 82 22.71 -5.29 4.01
CA ARG K 82 22.64 -6.71 4.33
C ARG K 82 22.31 -7.49 3.08
N LYS K 83 22.48 -8.80 3.18
CA LYS K 83 22.09 -9.71 2.11
C LYS K 83 21.02 -10.69 2.57
N THR K 84 20.57 -10.58 3.80
CA THR K 84 19.48 -11.38 4.32
C THR K 84 18.28 -10.48 4.58
N VAL K 85 17.08 -10.99 4.30
CA VAL K 85 15.86 -10.23 4.50
C VAL K 85 15.32 -10.62 5.86
N THR K 86 15.62 -9.81 6.87
CA THR K 86 15.17 -10.12 8.22
C THR K 86 13.67 -9.94 8.33
N ALA K 87 13.13 -10.28 9.50
CA ALA K 87 11.70 -10.12 9.70
C ALA K 87 11.33 -8.68 9.94
N MET K 88 12.25 -7.88 10.45
CA MET K 88 11.97 -6.46 10.62
C MET K 88 11.83 -5.76 9.28
N ASP K 89 12.57 -6.21 8.27
CA ASP K 89 12.39 -5.63 6.94
C ASP K 89 10.99 -5.87 6.42
N VAL K 90 10.47 -7.08 6.62
CA VAL K 90 9.11 -7.37 6.18
C VAL K 90 8.10 -6.58 6.99
N VAL K 91 8.34 -6.45 8.31
CA VAL K 91 7.41 -5.69 9.13
C VAL K 91 7.40 -4.22 8.71
N TYR K 92 8.56 -3.67 8.39
CA TYR K 92 8.63 -2.28 7.97
C TYR K 92 7.99 -2.09 6.61
N ALA K 93 8.21 -3.02 5.69
CA ALA K 93 7.55 -2.94 4.39
C ALA K 93 6.05 -2.97 4.55
N LEU K 94 5.55 -3.86 5.40
CA LEU K 94 4.11 -3.96 5.61
C LEU K 94 3.56 -2.68 6.23
N LYS K 95 4.30 -2.08 7.17
CA LYS K 95 3.84 -0.81 7.72
C LYS K 95 3.88 0.29 6.67
N ARG K 96 4.81 0.20 5.73
CA ARG K 96 4.86 1.15 4.64
C ARG K 96 3.63 1.04 3.75
N GLN K 97 3.18 -0.19 3.48
CA GLN K 97 1.93 -0.36 2.72
C GLN K 97 0.71 0.05 3.52
N GLY K 98 0.80 0.06 4.84
CA GLY K 98 -0.34 0.33 5.67
C GLY K 98 -1.04 -0.90 6.21
N ARG K 99 -0.30 -1.96 6.48
CA ARG K 99 -0.84 -3.24 6.95
C ARG K 99 -0.04 -3.74 8.14
N THR K 100 0.15 -2.86 9.12
CA THR K 100 0.93 -3.14 10.32
C THR K 100 0.71 -4.55 10.83
N LEU K 101 1.81 -5.27 11.05
CA LEU K 101 1.78 -6.68 11.43
C LEU K 101 2.40 -6.84 12.81
N TYR K 102 1.63 -7.42 13.72
CA TYR K 102 2.05 -7.60 15.10
C TYR K 102 2.57 -9.01 15.33
N GLY K 103 3.64 -9.13 16.08
CA GLY K 103 4.12 -10.41 16.52
C GLY K 103 5.38 -10.91 15.86
N PHE K 104 6.18 -10.05 15.25
CA PHE K 104 7.43 -10.47 14.64
C PHE K 104 8.54 -9.53 15.04
N GLY K 105 8.49 -9.00 16.26
CA GLY K 105 9.51 -8.10 16.72
C GLY K 105 9.31 -6.66 16.32
N GLY K 106 8.11 -6.29 15.91
CA GLY K 106 7.82 -4.93 15.46
C GLY K 106 8.06 -3.84 16.48
#